data_6JM9
#
_entry.id   6JM9
#
_cell.length_a   1.000
_cell.length_b   1.000
_cell.length_c   1.000
_cell.angle_alpha   90.00
_cell.angle_beta   90.00
_cell.angle_gamma   90.00
#
_symmetry.space_group_name_H-M   'P 1'
#
loop_
_entity.id
_entity.type
_entity.pdbx_description
1 polymer 'DNA strand I'
2 polymer 'DNA strand J'
3 polymer 'Histone H3.2'
4 polymer 'Histone H4'
5 polymer 'Histone H2A'
6 polymer 'Histone H2B 1.1'
7 polymer 'Histone-lysine N-methyltransferase, H3 lysine-79 specific'
8 non-polymer S-ADENOSYLMETHIONINE
#
loop_
_entity_poly.entity_id
_entity_poly.type
_entity_poly.pdbx_seq_one_letter_code
_entity_poly.pdbx_strand_id
1 'polydeoxyribonucleotide'
;(DC)(DA)(DC)(DC)(DT)(DG)(DC)(DA)(DG)(DA)(DT)(DT)(DC)(DT)(DA)(DC)(DC)(DA)(DA)(DA)
(DA)(DG)(DT)(DG)(DT)(DA)(DT)(DT)(DT)(DG)(DG)(DA)(DA)(DA)(DC)(DT)(DG)(DC)(DT)(DC)
(DC)(DA)(DT)(DC)(DA)(DA)(DA)(DA)(DG)(DG)(DC)(DA)(DT)(DG)(DT)(DT)(DC)(DA)(DG)(DC)
(DT)(DG)(DA)(DA)(DT)(DT)(DC)(DA)(DG)(DC)(DT)(DG)(DA)(DA)(DC)(DA)(DT)(DG)(DC)(DC)
(DT)(DT)(DT)(DT)(DG)(DA)(DT)(DG)(DG)(DA)(DG)(DC)(DA)(DG)(DT)(DT)(DT)(DC)(DC)(DA)
(DA)(DA)(DT)(DA)(DC)(DA)(DC)(DT)(DT)(DT)(DT)(DG)(DG)(DT)(DA)(DG)(DA)(DA)(DT)(DC)
(DT)(DG)(DC)
;
I
2 'polydeoxyribonucleotide'
;(DG)(DC)(DA)(DG)(DA)(DT)(DT)(DC)(DT)(DA)(DC)(DC)(DA)(DA)(DA)(DA)(DG)(DT)(DG)(DT)
(DA)(DT)(DT)(DT)(DG)(DG)(DA)(DA)(DA)(DC)(DT)(DG)(DC)(DT)(DC)(DC)(DA)(DT)(DC)(DA)
(DA)(DA)(DA)(DG)(DG)(DC)(DA)(DT)(DG)(DT)(DT)(DC)(DA)(DG)(DC)(DT)(DG)(DA)(DA)(DT)
(DT)(DC)(DA)(DG)(DC)(DT)(DG)(DA)(DA)(DC)(DA)(DT)(DG)(DC)(DC)(DT)(DT)(DT)(DT)(DG)
(DA)(DT)(DG)(DG)(DA)(DG)(DC)(DA)(DG)(DT)(DT)(DT)(DC)(DC)(DA)(DA)(DA)(DT)(DA)(DC)
(DA)(DC)(DT)(DT)(DT)(DT)(DG)(DG)(DT)(DA)(DG)(DA)(DA)(DT)(DC)(DT)(DG)(DC)(DA)(DG)
(DG)(DT)(DG)
;
J
3 'polypeptide(L)'
;PHRYRPGTVALREIRRYQKSTELLIRKLPFQRLVREIAQDFKTDLRFQSSAVMALQEASEAYLVGLFEDTNLCAIHAKRV
TIMPKDIQLARRIRGERA
;
A,E
4 'polypeptide(L)'
;KRHRKVLRDNIQGITKPAIRRLARRGGVKRISGLIYEETRGVLKVFLENVIRDAVTYTEHAKRKTVTAMDVVYALKRQGR
TLYGFGG
;
B,F
5 'polypeptide(L)'
;AKTRSSRAGLQFPVGRVHRLLRKGNYAERVGAGAPVYLAAVLEYLTAEILELAGNAARDNKKTRIIPRHLQLAVRNDEEL
NKLLGRVTIAQGGVLPNIQSVLLPKKT
;
C,G
6 'polypeptide(L)'
;TRKESYAIYVYKVLKQVHPDTGISSKAMSIMNSFVNDVFERIAGEASRLAHYNKRSTITSREIQTAVRLLLPGELAKHAV
SEGTKAVTKYTSAK
;
D,H
7 'polypeptide(L)'
;LELRLKSPVGAEPAVYPWPLPVYDKHHDAAHEIIETIRWVCEEIPDLKLAMENYVLIDYDTKSFESMQRLCDKYNRAIDS
IHQLWKGTTQPMKLNTRPSTGLLRHILQQVYNHSVTDPEKLNNYEPFSPEVYGETSFDLVAQMIDEIKMTDDDLFVDLGS
GVGQVVLQVAAATNCKHHYGVEKADIPAKYAETMDREFRKWMKWYGKKHAEYTLERGDFLSEEWRERIANTSVIFVNNFA
FGPEVDHQLKERFANMKEGGRIVSSKPFAPLNFRINSRNLSDIGTIMRVVELSPLKGSVSWTGKPVSYYLHTIDRTILEN
YFSSLKNP
;
X
#
# COMPACT_ATOMS: atom_id res chain seq x y z
N PRO C 1 26.58 -25.80 -37.63
CA PRO C 1 26.00 -25.03 -36.52
C PRO C 1 24.70 -24.36 -36.93
N HIS C 2 23.58 -24.96 -36.54
CA HIS C 2 22.27 -24.40 -36.87
C HIS C 2 21.96 -23.27 -35.91
N ARG C 3 21.22 -22.28 -36.37
CA ARG C 3 20.90 -21.17 -35.48
C ARG C 3 19.56 -20.52 -35.78
N TYR C 4 18.67 -20.52 -34.78
CA TYR C 4 17.36 -19.90 -34.91
C TYR C 4 17.52 -18.40 -34.79
N ARG C 5 16.78 -17.63 -35.57
CA ARG C 5 16.91 -16.19 -35.48
C ARG C 5 16.37 -15.62 -34.16
N PRO C 6 16.84 -14.44 -33.77
CA PRO C 6 16.36 -13.85 -32.52
C PRO C 6 14.86 -13.74 -32.59
N GLY C 7 14.18 -14.26 -31.57
CA GLY C 7 12.73 -14.18 -31.53
C GLY C 7 12.01 -15.49 -31.82
N THR C 8 12.57 -16.30 -32.72
CA THR C 8 11.95 -17.56 -33.09
C THR C 8 11.78 -18.46 -31.86
N VAL C 9 12.79 -18.54 -31.03
CA VAL C 9 12.72 -19.39 -29.85
C VAL C 9 11.85 -18.74 -28.77
N ALA C 10 11.88 -17.41 -28.71
CA ALA C 10 11.08 -16.68 -27.73
C ALA C 10 9.62 -17.06 -27.99
N LEU C 11 9.22 -16.96 -29.26
CA LEU C 11 7.85 -17.27 -29.66
C LEU C 11 7.53 -18.73 -29.30
N ARG C 12 8.50 -19.60 -29.54
CA ARG C 12 8.33 -21.00 -29.22
C ARG C 12 8.05 -21.16 -27.71
N GLU C 13 8.80 -20.46 -26.87
CA GLU C 13 8.60 -20.53 -25.42
C GLU C 13 7.24 -19.98 -24.99
N ILE C 14 6.80 -18.88 -25.59
CA ILE C 14 5.50 -18.32 -25.25
C ILE C 14 4.46 -19.40 -25.49
N ARG C 15 4.50 -20.03 -26.67
CA ARG C 15 3.52 -21.06 -26.98
C ARG C 15 3.56 -22.20 -25.97
N ARG C 16 4.78 -22.59 -25.62
CA ARG C 16 4.96 -23.67 -24.67
C ARG C 16 4.45 -23.32 -23.26
N TYR C 17 4.81 -22.15 -22.76
CA TYR C 17 4.38 -21.83 -21.41
C TYR C 17 2.92 -21.44 -21.31
N GLN C 18 2.33 -20.97 -22.40
CA GLN C 18 0.90 -20.65 -22.34
C GLN C 18 0.05 -21.92 -22.42
N LYS C 19 0.65 -23.04 -22.82
CA LYS C 19 -0.06 -24.31 -22.90
C LYS C 19 -0.04 -25.01 -21.56
N SER C 20 1.00 -24.79 -20.76
CA SER C 20 1.11 -25.48 -19.49
C SER C 20 0.70 -24.68 -18.27
N THR C 21 0.66 -25.36 -17.13
CA THR C 21 0.25 -24.75 -15.87
C THR C 21 1.24 -24.90 -14.71
N GLU C 22 2.36 -25.59 -14.91
CA GLU C 22 3.29 -25.77 -13.78
C GLU C 22 3.89 -24.46 -13.34
N LEU C 23 4.28 -24.39 -12.07
CA LEU C 23 4.89 -23.19 -11.54
C LEU C 23 6.24 -23.00 -12.25
N LEU C 24 6.66 -21.75 -12.40
CA LEU C 24 7.86 -21.42 -13.13
C LEU C 24 9.01 -20.92 -12.30
N ILE C 25 8.75 -20.61 -11.03
CA ILE C 25 9.81 -20.21 -10.12
C ILE C 25 10.15 -21.52 -9.39
N ARG C 26 11.42 -21.77 -9.07
CA ARG C 26 11.73 -23.03 -8.36
C ARG C 26 11.24 -22.93 -6.92
N LYS C 27 10.70 -24.03 -6.42
CA LYS C 27 10.13 -24.05 -5.09
C LYS C 27 10.95 -23.62 -3.89
N LEU C 28 12.10 -24.25 -3.69
CA LEU C 28 12.92 -23.92 -2.52
C LEU C 28 13.28 -22.45 -2.44
N PRO C 29 13.81 -21.87 -3.52
CA PRO C 29 14.19 -20.46 -3.50
C PRO C 29 12.95 -19.59 -3.18
N PHE C 30 11.79 -19.99 -3.68
CA PHE C 30 10.60 -19.19 -3.41
C PHE C 30 10.29 -19.32 -1.91
N GLN C 31 10.37 -20.54 -1.40
CA GLN C 31 10.11 -20.78 0.01
C GLN C 31 11.04 -19.97 0.90
N ARG C 32 12.32 -19.93 0.54
CA ARG C 32 13.28 -19.17 1.35
C ARG C 32 12.87 -17.72 1.36
N LEU C 33 12.51 -17.20 0.19
CA LEU C 33 12.11 -15.80 0.08
C LEU C 33 10.90 -15.53 0.97
N VAL C 34 9.91 -16.41 0.90
CA VAL C 34 8.71 -16.28 1.72
C VAL C 34 9.06 -16.24 3.21
N ARG C 35 9.84 -17.22 3.68
CA ARG C 35 10.22 -17.28 5.10
C ARG C 35 10.97 -16.04 5.55
N GLU C 36 11.89 -15.57 4.72
CA GLU C 36 12.66 -14.38 5.04
C GLU C 36 11.73 -13.19 5.20
N ILE C 37 10.79 -13.02 4.28
CA ILE C 37 9.89 -11.87 4.43
C ILE C 37 9.04 -11.98 5.69
N ALA C 38 8.54 -13.17 5.96
CA ALA C 38 7.68 -13.40 7.14
C ALA C 38 8.43 -13.18 8.44
N GLN C 39 9.71 -13.53 8.47
CA GLN C 39 10.53 -13.39 9.68
C GLN C 39 10.57 -11.92 10.12
N ASP C 40 10.38 -10.99 9.19
CA ASP C 40 10.38 -9.57 9.54
C ASP C 40 9.10 -9.18 10.24
N PHE C 41 8.04 -9.98 10.08
CA PHE C 41 6.77 -9.65 10.71
C PHE C 41 6.59 -10.42 12.00
N LYS C 42 7.12 -11.64 12.04
CA LYS C 42 7.04 -12.44 13.25
C LYS C 42 8.11 -13.51 13.14
N THR C 43 8.96 -13.58 14.16
CA THR C 43 10.06 -14.55 14.18
C THR C 43 9.58 -15.94 14.56
N ASP C 44 10.38 -16.94 14.22
CA ASP C 44 10.13 -18.34 14.56
C ASP C 44 8.82 -18.94 14.09
N LEU C 45 8.42 -18.59 12.87
CA LEU C 45 7.19 -19.10 12.28
C LEU C 45 7.42 -20.37 11.51
N ARG C 46 6.40 -21.20 11.43
CA ARG C 46 6.46 -22.39 10.59
C ARG C 46 5.40 -22.12 9.48
N PHE C 47 5.45 -22.91 8.41
CA PHE C 47 4.50 -22.76 7.32
C PHE C 47 3.91 -24.10 6.93
N GLN C 48 2.60 -24.17 6.75
CA GLN C 48 2.07 -25.43 6.28
C GLN C 48 2.60 -25.41 4.86
N SER C 49 2.75 -26.59 4.28
CA SER C 49 3.23 -26.73 2.92
C SER C 49 2.27 -26.07 1.93
N SER C 50 0.98 -26.23 2.18
CA SER C 50 -0.03 -25.68 1.29
C SER C 50 -0.05 -24.16 1.34
N ALA C 51 0.45 -23.58 2.44
CA ALA C 51 0.52 -22.13 2.61
C ALA C 51 1.54 -21.56 1.64
N VAL C 52 2.70 -22.20 1.56
CA VAL C 52 3.72 -21.71 0.64
C VAL C 52 3.26 -21.89 -0.81
N MET C 53 2.63 -23.02 -1.10
CA MET C 53 2.16 -23.27 -2.45
C MET C 53 1.08 -22.26 -2.88
N ALA C 54 0.15 -21.93 -1.99
CA ALA C 54 -0.88 -20.94 -2.29
C ALA C 54 -0.20 -19.59 -2.60
N LEU C 55 0.81 -19.24 -1.80
CA LEU C 55 1.52 -17.98 -2.01
C LEU C 55 2.19 -18.01 -3.38
N GLN C 56 2.77 -19.15 -3.75
CA GLN C 56 3.42 -19.23 -5.06
C GLN C 56 2.42 -19.21 -6.22
N GLU C 57 1.31 -19.93 -6.09
CA GLU C 57 0.30 -19.91 -7.15
C GLU C 57 -0.19 -18.46 -7.30
N ALA C 58 -0.46 -17.79 -6.19
CA ALA C 58 -0.93 -16.40 -6.27
C ALA C 58 0.11 -15.42 -6.81
N SER C 59 1.37 -15.60 -6.38
CA SER C 59 2.45 -14.73 -6.81
C SER C 59 2.72 -14.90 -8.28
N GLU C 60 2.73 -16.15 -8.74
CA GLU C 60 2.99 -16.35 -10.15
C GLU C 60 1.85 -15.86 -11.04
N ALA C 61 0.61 -16.07 -10.62
CA ALA C 61 -0.50 -15.61 -11.44
C ALA C 61 -0.47 -14.07 -11.50
N TYR C 62 -0.07 -13.44 -10.39
CA TYR C 62 0.03 -11.99 -10.31
C TYR C 62 1.09 -11.48 -11.31
N LEU C 63 2.27 -12.09 -11.28
CA LEU C 63 3.33 -11.64 -12.16
C LEU C 63 3.05 -11.88 -13.62
N VAL C 64 2.43 -13.02 -13.92
CA VAL C 64 2.11 -13.36 -15.31
C VAL C 64 1.09 -12.33 -15.87
N GLY C 65 0.04 -12.05 -15.11
CA GLY C 65 -0.95 -11.07 -15.57
C GLY C 65 -0.31 -9.68 -15.63
N LEU C 66 0.63 -9.37 -14.72
CA LEU C 66 1.30 -8.08 -14.76
C LEU C 66 2.17 -7.99 -16.02
N PHE C 67 2.78 -9.10 -16.40
CA PHE C 67 3.58 -9.12 -17.61
C PHE C 67 2.72 -8.91 -18.85
N GLU C 68 1.49 -9.39 -18.82
CA GLU C 68 0.58 -9.19 -19.94
C GLU C 68 0.33 -7.67 -20.07
N ASP C 69 0.00 -7.01 -18.96
CA ASP C 69 -0.24 -5.54 -19.00
C ASP C 69 1.02 -4.76 -19.40
N THR C 70 2.15 -5.23 -18.90
CA THR C 70 3.44 -4.62 -19.19
C THR C 70 3.65 -4.69 -20.71
N ASN C 71 3.37 -5.86 -21.26
CA ASN C 71 3.52 -6.08 -22.69
C ASN C 71 2.61 -5.13 -23.53
N LEU C 72 1.37 -4.96 -23.09
CA LEU C 72 0.50 -4.03 -23.79
C LEU C 72 1.07 -2.60 -23.73
N CYS C 73 1.72 -2.24 -22.61
CA CYS C 73 2.30 -0.91 -22.48
C CYS C 73 3.52 -0.70 -23.41
N ALA C 74 4.35 -1.71 -23.52
CA ALA C 74 5.51 -1.63 -24.41
C ALA C 74 4.99 -1.53 -25.85
N ILE C 75 4.01 -2.35 -26.20
CA ILE C 75 3.44 -2.31 -27.54
C ILE C 75 2.77 -0.96 -27.82
N HIS C 76 2.18 -0.36 -26.78
CA HIS C 76 1.54 0.91 -26.95
C HIS C 76 2.60 1.95 -27.39
N ALA C 77 3.81 1.81 -26.90
CA ALA C 77 4.88 2.73 -27.23
C ALA C 77 5.62 2.26 -28.50
N LYS C 78 4.98 1.40 -29.27
CA LYS C 78 5.57 0.89 -30.49
C LYS C 78 6.84 0.08 -30.31
N ARG C 79 6.95 -0.62 -29.18
CA ARG C 79 8.13 -1.46 -28.94
C ARG C 79 7.62 -2.90 -28.82
N VAL C 80 8.56 -3.84 -28.74
CA VAL C 80 8.17 -5.23 -28.56
C VAL C 80 9.03 -5.72 -27.39
N THR C 81 9.77 -4.79 -26.80
CA THR C 81 10.64 -5.10 -25.67
C THR C 81 10.08 -4.43 -24.42
N ILE C 82 9.75 -5.24 -23.42
CA ILE C 82 9.27 -4.64 -22.18
C ILE C 82 10.42 -4.02 -21.41
N MET C 83 10.14 -2.88 -20.80
CA MET C 83 11.11 -2.16 -20.03
C MET C 83 10.54 -1.81 -18.66
N PRO C 84 11.42 -1.45 -17.74
CA PRO C 84 10.90 -1.11 -16.42
C PRO C 84 9.78 -0.08 -16.47
N LYS C 85 9.88 0.90 -17.38
CA LYS C 85 8.84 1.93 -17.42
C LYS C 85 7.50 1.36 -17.83
N ASP C 86 7.51 0.21 -18.50
CA ASP C 86 6.25 -0.42 -18.88
C ASP C 86 5.60 -1.06 -17.65
N ILE C 87 6.40 -1.69 -16.79
CA ILE C 87 5.86 -2.32 -15.60
C ILE C 87 5.32 -1.20 -14.69
N GLN C 88 6.07 -0.10 -14.61
CA GLN C 88 5.70 1.03 -13.75
C GLN C 88 4.40 1.65 -14.24
N LEU C 89 4.25 1.84 -15.54
CA LEU C 89 3.01 2.39 -16.08
C LEU C 89 1.84 1.45 -15.71
N ALA C 90 2.01 0.16 -15.97
CA ALA C 90 0.94 -0.80 -15.65
C ALA C 90 0.56 -0.77 -14.17
N ARG C 91 1.56 -0.73 -13.28
CA ARG C 91 1.26 -0.75 -11.86
C ARG C 91 0.57 0.54 -11.43
N ARG C 92 1.00 1.65 -12.01
CA ARG C 92 0.38 2.91 -11.66
C ARG C 92 -1.10 2.94 -12.07
N ILE C 93 -1.41 2.47 -13.27
CA ILE C 93 -2.79 2.47 -13.73
C ILE C 93 -3.64 1.46 -12.96
N ARG C 94 -3.04 0.34 -12.58
CA ARG C 94 -3.74 -0.65 -11.77
C ARG C 94 -4.00 -0.05 -10.40
N GLY C 95 -3.32 1.02 -10.06
CA GLY C 95 -3.54 1.61 -8.75
C GLY C 95 -2.67 0.95 -7.69
N GLU C 96 -1.61 0.25 -8.11
CA GLU C 96 -0.74 -0.39 -7.14
C GLU C 96 0.33 0.60 -6.75
N ARG C 97 0.50 1.61 -7.62
CA ARG C 97 1.47 2.71 -7.45
C ARG C 97 0.66 3.97 -7.19
N ALA C 98 -0.50 4.06 -7.83
CA ALA C 98 -1.36 5.23 -7.67
C ALA C 98 -2.07 5.23 -6.31
N VAL D 6 29.47 -20.42 -3.06
CA VAL D 6 29.12 -19.00 -3.39
C VAL D 6 27.77 -18.63 -2.76
N LEU D 7 27.77 -17.59 -1.94
CA LEU D 7 26.54 -17.13 -1.29
C LEU D 7 25.45 -16.76 -2.29
N ARG D 8 24.38 -16.13 -1.81
CA ARG D 8 23.27 -15.76 -2.69
C ARG D 8 22.11 -15.11 -1.94
N ASP D 9 21.84 -13.85 -2.27
CA ASP D 9 20.73 -13.11 -1.64
C ASP D 9 19.46 -13.85 -2.07
N ASN D 10 18.56 -14.15 -1.13
CA ASN D 10 17.33 -14.89 -1.42
C ASN D 10 16.47 -14.39 -2.57
N ILE D 11 16.19 -13.10 -2.60
CA ILE D 11 15.40 -12.54 -3.68
C ILE D 11 16.13 -12.79 -4.99
N GLN D 12 17.46 -12.99 -4.95
CA GLN D 12 18.21 -13.26 -6.18
C GLN D 12 17.95 -14.71 -6.60
N GLY D 13 17.36 -15.47 -5.69
CA GLY D 13 17.01 -16.86 -6.01
C GLY D 13 15.89 -16.88 -7.03
N ILE D 14 15.22 -15.74 -7.22
CA ILE D 14 14.17 -15.64 -8.24
C ILE D 14 15.07 -15.26 -9.39
N THR D 15 15.42 -16.24 -10.19
CA THR D 15 16.38 -16.03 -11.27
C THR D 15 15.90 -15.44 -12.57
N LYS D 16 16.85 -14.98 -13.37
CA LYS D 16 16.54 -14.40 -14.65
C LYS D 16 15.71 -15.38 -15.48
N PRO D 17 16.11 -16.67 -15.50
CA PRO D 17 15.33 -17.64 -16.29
C PRO D 17 13.91 -17.86 -15.77
N ALA D 18 13.73 -17.84 -14.46
CA ALA D 18 12.40 -18.03 -13.89
C ALA D 18 11.54 -16.83 -14.29
N ILE D 19 12.12 -15.63 -14.24
CA ILE D 19 11.39 -14.41 -14.58
C ILE D 19 11.03 -14.42 -16.06
N ARG D 20 11.94 -14.88 -16.90
CA ARG D 20 11.67 -14.94 -18.31
C ARG D 20 10.53 -15.90 -18.60
N ARG D 21 10.50 -17.04 -17.90
CA ARG D 21 9.43 -17.99 -18.14
C ARG D 21 8.10 -17.33 -17.79
N LEU D 22 8.04 -16.64 -16.65
CA LEU D 22 6.80 -15.95 -16.22
C LEU D 22 6.38 -15.00 -17.32
N ALA D 23 7.35 -14.22 -17.81
CA ALA D 23 7.10 -13.27 -18.88
C ALA D 23 6.59 -13.97 -20.14
N ARG D 24 7.15 -15.14 -20.48
CA ARG D 24 6.69 -15.88 -21.66
C ARG D 24 5.22 -16.29 -21.51
N ARG D 25 4.84 -16.82 -20.36
CA ARG D 25 3.45 -17.21 -20.14
C ARG D 25 2.58 -15.95 -20.25
N GLY D 26 3.18 -14.80 -19.94
CA GLY D 26 2.48 -13.53 -20.04
C GLY D 26 2.51 -12.96 -21.46
N GLY D 27 3.02 -13.75 -22.42
CA GLY D 27 3.06 -13.34 -23.82
C GLY D 27 4.18 -12.43 -24.27
N VAL D 28 5.19 -12.25 -23.42
CA VAL D 28 6.33 -11.39 -23.69
C VAL D 28 7.43 -11.99 -24.57
N LYS D 29 7.76 -11.28 -25.66
CA LYS D 29 8.77 -11.74 -26.64
C LYS D 29 10.21 -11.25 -26.44
N ARG D 30 10.40 -10.05 -25.93
CA ARG D 30 11.73 -9.51 -25.78
C ARG D 30 11.77 -8.77 -24.47
N ILE D 31 12.85 -8.95 -23.72
CA ILE D 31 13.00 -8.39 -22.40
C ILE D 31 14.25 -7.54 -22.16
N SER D 32 14.07 -6.36 -21.57
CA SER D 32 15.15 -5.43 -21.24
C SER D 32 15.90 -6.01 -20.04
N GLY D 33 17.22 -5.86 -20.05
CA GLY D 33 18.02 -6.43 -18.97
C GLY D 33 17.61 -5.95 -17.61
N LEU D 34 17.11 -4.72 -17.54
CA LEU D 34 16.68 -4.10 -16.28
C LEU D 34 15.37 -4.68 -15.69
N ILE D 35 14.66 -5.44 -16.50
CA ILE D 35 13.39 -6.05 -16.09
C ILE D 35 13.55 -6.96 -14.87
N TYR D 36 14.61 -7.77 -14.86
CA TYR D 36 14.78 -8.72 -13.77
C TYR D 36 14.80 -8.11 -12.40
N GLU D 37 15.60 -7.08 -12.19
CA GLU D 37 15.62 -6.48 -10.87
C GLU D 37 14.29 -5.81 -10.58
N GLU D 38 13.70 -5.16 -11.56
CA GLU D 38 12.41 -4.49 -11.37
C GLU D 38 11.36 -5.50 -10.90
N THR D 39 11.37 -6.67 -11.52
CA THR D 39 10.42 -7.72 -11.21
C THR D 39 10.61 -8.22 -9.78
N ARG D 40 11.86 -8.39 -9.38
CA ARG D 40 12.16 -8.84 -8.03
C ARG D 40 11.59 -7.86 -7.04
N GLY D 41 11.78 -6.58 -7.30
CA GLY D 41 11.27 -5.56 -6.40
C GLY D 41 9.75 -5.63 -6.30
N VAL D 42 9.12 -5.79 -7.46
CA VAL D 42 7.66 -5.88 -7.49
C VAL D 42 7.19 -7.12 -6.75
N LEU D 43 7.85 -8.26 -6.98
CA LEU D 43 7.44 -9.48 -6.30
C LEU D 43 7.61 -9.39 -4.78
N LYS D 44 8.66 -8.73 -4.32
CA LYS D 44 8.88 -8.59 -2.89
C LYS D 44 7.75 -7.78 -2.24
N VAL D 45 7.34 -6.71 -2.90
CA VAL D 45 6.26 -5.87 -2.39
C VAL D 45 4.98 -6.71 -2.33
N PHE D 46 4.74 -7.49 -3.37
CA PHE D 46 3.56 -8.33 -3.41
C PHE D 46 3.58 -9.30 -2.21
N LEU D 47 4.70 -9.98 -1.99
CA LEU D 47 4.79 -10.94 -0.89
C LEU D 47 4.71 -10.26 0.46
N GLU D 48 5.38 -9.11 0.62
CA GLU D 48 5.30 -8.39 1.88
C GLU D 48 3.85 -8.08 2.21
N ASN D 49 3.08 -7.55 1.24
CA ASN D 49 1.69 -7.22 1.51
C ASN D 49 0.84 -8.43 1.87
N VAL D 50 0.94 -9.50 1.10
CA VAL D 50 0.14 -10.69 1.38
C VAL D 50 0.60 -11.39 2.70
N ILE D 51 1.90 -11.56 2.88
CA ILE D 51 2.43 -12.24 4.09
C ILE D 51 2.14 -11.47 5.36
N ARG D 52 2.27 -10.15 5.30
CA ARG D 52 1.96 -9.35 6.46
C ARG D 52 0.56 -9.73 6.95
N ASP D 53 -0.45 -9.70 6.07
CA ASP D 53 -1.82 -10.02 6.49
C ASP D 53 -1.96 -11.46 6.93
N ALA D 54 -1.35 -12.38 6.19
CA ALA D 54 -1.44 -13.78 6.57
C ALA D 54 -0.94 -13.96 8.02
N VAL D 55 0.22 -13.37 8.32
CA VAL D 55 0.81 -13.48 9.65
C VAL D 55 -0.07 -12.80 10.69
N THR D 56 -0.76 -11.73 10.29
CA THR D 56 -1.66 -11.07 11.22
C THR D 56 -2.78 -12.07 11.57
N TYR D 57 -3.22 -12.88 10.62
CA TYR D 57 -4.26 -13.85 10.94
C TYR D 57 -3.64 -14.97 11.80
N THR D 58 -2.39 -15.34 11.50
CA THR D 58 -1.69 -16.39 12.25
C THR D 58 -1.62 -15.99 13.73
N GLU D 59 -1.12 -14.79 13.98
CA GLU D 59 -0.99 -14.31 15.34
C GLU D 59 -2.32 -14.17 16.05
N HIS D 60 -3.34 -13.66 15.35
CA HIS D 60 -4.62 -13.53 15.99
C HIS D 60 -5.13 -14.90 16.46
N ALA D 61 -4.79 -15.95 15.74
CA ALA D 61 -5.25 -17.29 16.08
C ALA D 61 -4.33 -17.91 17.13
N LYS D 62 -3.34 -17.16 17.57
CA LYS D 62 -2.41 -17.65 18.58
C LYS D 62 -1.63 -18.86 18.06
N ARG D 63 -1.30 -18.86 16.78
CA ARG D 63 -0.54 -19.96 16.21
C ARG D 63 0.88 -19.54 15.88
N LYS D 64 1.72 -20.53 15.63
CA LYS D 64 3.09 -20.28 15.27
C LYS D 64 3.28 -20.76 13.84
N THR D 65 2.24 -21.34 13.27
CA THR D 65 2.26 -21.86 11.92
C THR D 65 1.29 -21.13 10.97
N VAL D 66 1.81 -20.55 9.90
CA VAL D 66 1.00 -19.89 8.88
C VAL D 66 0.29 -20.98 8.07
N THR D 67 -1.03 -20.96 8.07
CA THR D 67 -1.76 -21.99 7.33
C THR D 67 -2.20 -21.48 5.98
N ALA D 68 -2.60 -22.41 5.12
CA ALA D 68 -3.07 -22.07 3.78
C ALA D 68 -4.24 -21.12 3.94
N MET D 69 -5.10 -21.37 4.93
CA MET D 69 -6.25 -20.51 5.15
C MET D 69 -5.84 -19.09 5.51
N ASP D 70 -4.78 -18.94 6.31
CA ASP D 70 -4.31 -17.60 6.63
C ASP D 70 -3.94 -16.94 5.28
N VAL D 71 -3.29 -17.68 4.40
CA VAL D 71 -2.91 -17.10 3.10
C VAL D 71 -4.15 -16.78 2.22
N VAL D 72 -5.09 -17.71 2.15
CA VAL D 72 -6.32 -17.52 1.39
C VAL D 72 -7.11 -16.30 1.85
N TYR D 73 -7.17 -16.09 3.16
CA TYR D 73 -7.90 -14.97 3.70
C TYR D 73 -7.12 -13.71 3.38
N ALA D 74 -5.80 -13.79 3.45
CA ALA D 74 -4.98 -12.62 3.17
C ALA D 74 -5.16 -12.23 1.70
N LEU D 75 -5.08 -13.21 0.81
CA LEU D 75 -5.24 -12.92 -0.63
C LEU D 75 -6.62 -12.35 -0.92
N LYS D 76 -7.63 -12.93 -0.29
CA LYS D 76 -8.98 -12.46 -0.50
C LYS D 76 -9.17 -11.00 -0.09
N ARG D 77 -8.66 -10.60 1.08
CA ARG D 77 -8.87 -9.22 1.48
C ARG D 77 -8.06 -8.28 0.61
N GLN D 78 -7.04 -8.80 -0.05
CA GLN D 78 -6.23 -7.94 -0.93
C GLN D 78 -6.83 -7.93 -2.37
N GLY D 79 -8.00 -8.53 -2.55
CA GLY D 79 -8.65 -8.57 -3.84
C GLY D 79 -7.97 -9.54 -4.80
N ARG D 80 -7.31 -10.56 -4.26
CA ARG D 80 -6.60 -11.55 -5.06
C ARG D 80 -7.09 -12.98 -4.73
N THR D 81 -8.40 -13.14 -4.61
CA THR D 81 -9.05 -14.42 -4.31
C THR D 81 -8.44 -15.60 -5.03
N LEU D 82 -8.08 -16.61 -4.25
CA LEU D 82 -7.47 -17.76 -4.86
C LEU D 82 -8.32 -19.00 -4.58
N TYR D 83 -8.61 -19.78 -5.61
CA TYR D 83 -9.37 -21.02 -5.46
C TYR D 83 -8.39 -22.22 -5.46
N GLY D 84 -8.74 -23.26 -4.72
CA GLY D 84 -7.93 -24.45 -4.69
C GLY D 84 -7.25 -24.79 -3.37
N PHE D 85 -7.24 -23.88 -2.41
CA PHE D 85 -6.54 -24.15 -1.16
C PHE D 85 -7.42 -24.06 0.09
N GLY D 86 -8.73 -24.26 -0.07
CA GLY D 86 -9.60 -24.18 1.09
C GLY D 86 -10.35 -22.86 1.07
N GLY D 87 -11.40 -22.75 1.89
CA GLY D 87 -12.19 -21.55 1.95
C GLY D 87 -13.30 -21.56 0.91
N ALA E 1 -24.31 9.09 37.79
CA ALA E 1 -23.95 8.12 36.72
C ALA E 1 -22.88 8.69 35.81
N LYS E 2 -22.35 7.84 34.93
CA LYS E 2 -21.33 8.26 33.97
C LYS E 2 -21.41 7.43 32.70
N THR E 3 -21.21 8.10 31.58
CA THR E 3 -21.26 7.45 30.27
C THR E 3 -20.07 6.52 30.11
N ARG E 4 -20.24 5.51 29.27
CA ARG E 4 -19.13 4.60 29.04
C ARG E 4 -18.02 5.41 28.31
N SER E 5 -18.43 6.45 27.59
CA SER E 5 -17.44 7.28 26.91
C SER E 5 -16.56 8.00 27.95
N SER E 6 -17.18 8.54 29.00
CA SER E 6 -16.37 9.22 30.03
C SER E 6 -15.45 8.23 30.75
N ARG E 7 -15.96 7.06 31.11
CA ARG E 7 -15.11 6.06 31.76
C ARG E 7 -13.94 5.67 30.88
N ALA E 8 -14.11 5.71 29.56
CA ALA E 8 -13.01 5.34 28.67
C ALA E 8 -12.17 6.55 28.26
N GLY E 9 -12.61 7.76 28.63
CA GLY E 9 -11.88 8.98 28.27
C GLY E 9 -12.04 9.40 26.80
N LEU E 10 -13.19 9.03 26.22
CA LEU E 10 -13.47 9.31 24.82
C LEU E 10 -14.52 10.37 24.58
N GLN E 11 -14.46 10.95 23.38
CA GLN E 11 -15.39 11.95 22.92
C GLN E 11 -16.45 11.19 22.13
N PHE E 12 -16.02 10.18 21.35
CA PHE E 12 -16.97 9.39 20.56
C PHE E 12 -17.83 8.53 21.51
N PRO E 13 -19.10 8.27 21.13
CA PRO E 13 -20.10 7.50 21.91
C PRO E 13 -19.95 6.00 21.96
N VAL E 14 -19.46 5.48 23.08
CA VAL E 14 -19.27 4.05 23.21
C VAL E 14 -20.61 3.33 23.15
N GLY E 15 -21.62 3.91 23.82
CA GLY E 15 -22.94 3.32 23.84
C GLY E 15 -23.49 3.13 22.44
N ARG E 16 -23.42 4.19 21.65
CA ARG E 16 -23.89 4.16 20.27
C ARG E 16 -23.14 3.09 19.46
N VAL E 17 -21.81 3.13 19.54
CA VAL E 17 -21.01 2.17 18.80
C VAL E 17 -21.32 0.71 19.18
N HIS E 18 -21.57 0.45 20.46
CA HIS E 18 -21.92 -0.91 20.94
C HIS E 18 -23.24 -1.31 20.26
N ARG E 19 -24.18 -0.39 20.24
CA ARG E 19 -25.49 -0.63 19.65
C ARG E 19 -25.37 -0.91 18.15
N LEU E 20 -24.65 -0.04 17.45
CA LEU E 20 -24.47 -0.24 16.03
C LEU E 20 -23.80 -1.56 15.77
N LEU E 21 -22.85 -1.98 16.60
CA LEU E 21 -22.20 -3.27 16.38
C LEU E 21 -23.21 -4.43 16.51
N ARG E 22 -24.09 -4.35 17.50
CA ARG E 22 -25.11 -5.38 17.68
C ARG E 22 -26.10 -5.40 16.53
N LYS E 23 -26.59 -4.24 16.13
CA LYS E 23 -27.55 -4.21 15.04
C LYS E 23 -26.99 -4.60 13.69
N GLY E 24 -25.67 -4.46 13.52
CA GLY E 24 -25.05 -4.77 12.25
C GLY E 24 -24.90 -6.25 11.92
N ASN E 25 -25.22 -7.13 12.86
CA ASN E 25 -25.10 -8.56 12.61
C ASN E 25 -23.68 -8.98 12.26
N TYR E 26 -22.73 -8.50 13.03
CA TYR E 26 -21.33 -8.85 12.80
C TYR E 26 -20.98 -10.15 13.52
N ALA E 27 -21.63 -10.42 14.64
CA ALA E 27 -21.36 -11.64 15.41
C ALA E 27 -22.51 -11.89 16.36
N GLU E 28 -22.57 -13.09 16.92
CA GLU E 28 -23.66 -13.36 17.84
C GLU E 28 -23.48 -12.50 19.09
N ARG E 29 -22.24 -12.32 19.52
CA ARG E 29 -21.95 -11.55 20.73
C ARG E 29 -20.90 -10.46 20.48
N VAL E 30 -21.02 -9.37 21.24
CA VAL E 30 -20.08 -8.26 21.16
C VAL E 30 -19.63 -7.95 22.57
N GLY E 31 -18.35 -8.13 22.86
CA GLY E 31 -17.84 -7.86 24.19
C GLY E 31 -17.83 -6.38 24.54
N ALA E 32 -17.82 -6.09 25.85
CA ALA E 32 -17.84 -4.70 26.35
C ALA E 32 -16.69 -3.82 25.86
N GLY E 33 -15.50 -4.38 25.74
CA GLY E 33 -14.36 -3.60 25.29
C GLY E 33 -14.31 -3.30 23.79
N ALA E 34 -15.06 -4.05 23.00
CA ALA E 34 -15.09 -3.86 21.55
C ALA E 34 -15.52 -2.46 21.15
N PRO E 35 -16.68 -2.02 21.62
CA PRO E 35 -17.13 -0.68 21.24
C PRO E 35 -16.20 0.42 21.78
N VAL E 36 -15.55 0.17 22.92
CA VAL E 36 -14.65 1.16 23.48
C VAL E 36 -13.47 1.29 22.55
N TYR E 37 -12.87 0.16 22.20
CA TYR E 37 -11.72 0.15 21.32
C TYR E 37 -12.09 0.79 19.95
N LEU E 38 -13.24 0.39 19.40
CA LEU E 38 -13.65 0.90 18.11
C LEU E 38 -13.94 2.41 18.14
N ALA E 39 -14.69 2.88 19.15
CA ALA E 39 -14.97 4.32 19.25
C ALA E 39 -13.67 5.10 19.35
N ALA E 40 -12.70 4.56 20.09
CA ALA E 40 -11.40 5.20 20.24
C ALA E 40 -10.68 5.35 18.90
N VAL E 41 -10.70 4.29 18.11
CA VAL E 41 -10.05 4.31 16.80
C VAL E 41 -10.73 5.30 15.86
N LEU E 42 -12.05 5.30 15.85
CA LEU E 42 -12.79 6.20 14.98
C LEU E 42 -12.50 7.63 15.37
N GLU E 43 -12.45 7.89 16.68
CA GLU E 43 -12.16 9.21 17.21
C GLU E 43 -10.75 9.61 16.80
N TYR E 44 -9.81 8.69 16.87
CA TYR E 44 -8.42 8.99 16.52
C TYR E 44 -8.31 9.31 15.04
N LEU E 45 -8.98 8.50 14.20
CA LEU E 45 -8.89 8.78 12.77
C LEU E 45 -9.59 10.09 12.48
N THR E 46 -10.66 10.42 13.19
CA THR E 46 -11.28 11.67 12.82
C THR E 46 -10.41 12.86 13.27
N ALA E 47 -9.72 12.72 14.41
CA ALA E 47 -8.82 13.78 14.91
C ALA E 47 -7.74 14.01 13.88
N GLU E 48 -7.20 12.92 13.33
CA GLU E 48 -6.14 13.03 12.34
C GLU E 48 -6.57 13.75 11.06
N ILE E 49 -7.73 13.36 10.53
CA ILE E 49 -8.19 14.01 9.30
C ILE E 49 -8.55 15.46 9.53
N LEU E 50 -9.18 15.77 10.66
CA LEU E 50 -9.52 17.19 10.96
C LEU E 50 -8.26 18.03 11.23
N GLU E 51 -7.23 17.42 11.83
CA GLU E 51 -6.00 18.16 12.08
C GLU E 51 -5.48 18.61 10.72
N LEU E 52 -5.30 17.67 9.80
CA LEU E 52 -4.80 18.02 8.47
C LEU E 52 -5.71 18.90 7.63
N ALA E 53 -7.02 18.69 7.71
CA ALA E 53 -7.94 19.51 6.90
C ALA E 53 -7.97 20.94 7.45
N GLY E 54 -7.97 21.11 8.77
CA GLY E 54 -7.93 22.48 9.30
C GLY E 54 -6.63 23.15 8.85
N ASN E 55 -5.52 22.41 8.74
CA ASN E 55 -4.28 23.04 8.29
C ASN E 55 -4.45 23.46 6.81
N ALA E 56 -5.08 22.60 6.00
CA ALA E 56 -5.29 22.95 4.58
C ALA E 56 -6.17 24.20 4.54
N ALA E 57 -7.16 24.27 5.42
CA ALA E 57 -8.02 25.45 5.41
C ALA E 57 -7.22 26.69 5.77
N ARG E 58 -6.37 26.57 6.80
CA ARG E 58 -5.55 27.70 7.19
C ARG E 58 -4.65 28.11 6.05
N ASP E 59 -4.05 27.12 5.37
CA ASP E 59 -3.16 27.38 4.22
C ASP E 59 -3.90 28.19 3.15
N ASN E 60 -5.21 27.97 3.03
CA ASN E 60 -6.03 28.63 2.03
C ASN E 60 -6.73 29.84 2.61
N LYS E 61 -6.26 30.29 3.78
CA LYS E 61 -6.81 31.46 4.44
C LYS E 61 -8.29 31.38 4.76
N LYS E 62 -8.77 30.17 5.03
CA LYS E 62 -10.17 29.97 5.36
C LYS E 62 -10.27 29.49 6.79
N THR E 63 -11.38 29.80 7.43
CA THR E 63 -11.63 29.41 8.81
C THR E 63 -12.58 28.23 8.89
N ARG E 64 -13.24 27.96 7.77
CA ARG E 64 -14.20 26.87 7.74
C ARG E 64 -13.71 25.76 6.79
N ILE E 65 -13.67 24.56 7.32
CA ILE E 65 -13.27 23.38 6.55
C ILE E 65 -14.37 23.03 5.52
N ILE E 66 -13.98 22.91 4.27
CA ILE E 66 -14.94 22.54 3.20
C ILE E 66 -14.43 21.23 2.58
N PRO E 67 -15.24 20.58 1.69
CA PRO E 67 -14.74 19.32 1.12
C PRO E 67 -13.39 19.41 0.47
N ARG E 68 -13.11 20.49 -0.25
CA ARG E 68 -11.79 20.60 -0.86
C ARG E 68 -10.67 20.43 0.18
N HIS E 69 -10.88 20.92 1.41
CA HIS E 69 -9.81 20.82 2.45
C HIS E 69 -9.65 19.41 2.94
N LEU E 70 -10.78 18.70 3.02
CA LEU E 70 -10.72 17.30 3.39
C LEU E 70 -9.95 16.56 2.29
N GLN E 71 -10.21 16.89 1.02
CA GLN E 71 -9.51 16.21 -0.08
C GLN E 71 -8.02 16.55 -0.11
N LEU E 72 -7.65 17.82 0.01
CA LEU E 72 -6.23 18.16 0.04
C LEU E 72 -5.54 17.41 1.18
N ALA E 73 -6.19 17.30 2.33
CA ALA E 73 -5.60 16.64 3.52
C ALA E 73 -5.35 15.16 3.28
N VAL E 74 -6.37 14.51 2.76
CA VAL E 74 -6.30 13.11 2.45
C VAL E 74 -5.31 12.82 1.33
N ARG E 75 -5.43 13.54 0.22
CA ARG E 75 -4.56 13.24 -0.91
C ARG E 75 -3.10 13.63 -0.70
N ASN E 76 -2.85 14.64 0.12
CA ASN E 76 -1.47 15.00 0.39
C ASN E 76 -0.84 14.14 1.49
N ASP E 77 -1.63 13.26 2.11
CA ASP E 77 -1.10 12.40 3.19
C ASP E 77 -1.04 10.97 2.69
N GLU E 78 0.15 10.41 2.61
CA GLU E 78 0.31 9.08 2.10
C GLU E 78 -0.61 8.00 2.68
N GLU E 79 -0.70 7.94 4.01
CA GLU E 79 -1.54 6.90 4.62
C GLU E 79 -3.04 7.13 4.48
N LEU E 80 -3.51 8.35 4.68
CA LEU E 80 -4.93 8.59 4.51
C LEU E 80 -5.32 8.38 3.03
N ASN E 81 -4.45 8.79 2.11
CA ASN E 81 -4.70 8.57 0.69
C ASN E 81 -4.91 7.07 0.40
N LYS E 82 -4.06 6.23 0.99
CA LYS E 82 -4.19 4.80 0.80
C LYS E 82 -5.50 4.27 1.44
N LEU E 83 -5.74 4.64 2.68
CA LEU E 83 -6.97 4.19 3.37
C LEU E 83 -8.21 4.58 2.57
N LEU E 84 -8.16 5.74 1.90
CA LEU E 84 -9.30 6.22 1.13
C LEU E 84 -8.99 6.13 -0.37
N GLY E 85 -8.18 5.13 -0.74
CA GLY E 85 -7.76 4.98 -2.12
C GLY E 85 -8.90 4.74 -3.11
N ARG E 86 -10.02 4.22 -2.64
CA ARG E 86 -11.14 3.93 -3.51
C ARG E 86 -12.35 4.70 -3.05
N VAL E 87 -12.11 5.88 -2.52
CA VAL E 87 -13.21 6.69 -2.02
C VAL E 87 -13.17 7.99 -2.76
N THR E 88 -14.35 8.51 -3.09
CA THR E 88 -14.43 9.78 -3.77
C THR E 88 -15.05 10.77 -2.79
N ILE E 89 -14.34 11.86 -2.52
CA ILE E 89 -14.85 12.91 -1.66
C ILE E 89 -15.56 13.90 -2.60
N ALA E 90 -16.88 13.96 -2.51
CA ALA E 90 -17.67 14.89 -3.35
C ALA E 90 -17.15 16.31 -3.15
N GLN E 91 -17.12 17.08 -4.25
CA GLN E 91 -16.67 18.46 -4.29
C GLN E 91 -15.28 18.61 -3.76
N GLY E 92 -14.47 17.59 -4.03
CA GLY E 92 -13.10 17.62 -3.55
C GLY E 92 -12.12 18.10 -4.59
N GLY E 93 -12.45 17.96 -5.88
CA GLY E 93 -11.51 18.36 -6.90
C GLY E 93 -10.31 17.42 -6.80
N VAL E 94 -9.18 17.80 -7.41
CA VAL E 94 -7.99 16.97 -7.40
C VAL E 94 -6.81 17.84 -6.99
N LEU E 95 -5.67 17.20 -6.77
CA LEU E 95 -4.44 17.92 -6.42
C LEU E 95 -3.80 18.53 -7.66
N PRO E 96 -3.29 19.77 -7.54
CA PRO E 96 -2.65 20.40 -8.71
C PRO E 96 -1.48 19.50 -9.07
N ASN E 97 -1.37 19.11 -10.33
CA ASN E 97 -0.30 18.21 -10.74
C ASN E 97 -0.25 18.19 -12.27
N ILE E 98 0.75 18.85 -12.84
CA ILE E 98 0.92 18.89 -14.29
C ILE E 98 2.16 18.09 -14.64
N GLN E 99 2.01 17.06 -15.46
CA GLN E 99 3.16 16.25 -15.83
C GLN E 99 4.25 17.14 -16.46
N SER E 100 5.49 16.94 -16.02
CA SER E 100 6.64 17.71 -16.52
C SER E 100 6.75 17.93 -18.02
N VAL E 101 6.68 16.87 -18.80
CA VAL E 101 6.86 17.00 -20.25
C VAL E 101 5.92 17.95 -20.93
N LEU E 102 4.83 18.28 -20.24
CA LEU E 102 3.82 19.18 -20.78
C LEU E 102 4.16 20.66 -20.58
N LEU E 103 5.16 20.95 -19.74
CA LEU E 103 5.52 22.35 -19.52
C LEU E 103 6.29 22.88 -20.72
N PRO E 104 6.22 24.19 -20.96
CA PRO E 104 6.94 24.75 -22.11
C PRO E 104 8.46 24.83 -21.93
N LYS E 105 9.11 25.49 -22.88
CA LYS E 105 10.56 25.73 -22.87
C LYS E 105 11.42 24.49 -22.67
N LYS E 106 12.55 24.69 -21.99
CA LYS E 106 13.50 23.63 -21.70
C LYS E 106 14.40 24.02 -20.53
N THR E 107 15.10 23.03 -19.97
CA THR E 107 15.99 23.24 -18.84
C THR E 107 15.18 23.54 -17.58
N THR F 1 -38.89 10.21 12.02
CA THR F 1 -37.93 9.28 12.68
C THR F 1 -36.57 9.96 12.82
N ARG F 2 -36.01 9.90 14.01
CA ARG F 2 -34.73 10.51 14.29
C ARG F 2 -33.62 9.84 13.48
N LYS F 3 -32.78 10.64 12.82
CA LYS F 3 -31.68 10.08 12.07
C LYS F 3 -30.37 10.50 12.73
N GLU F 4 -29.61 9.51 13.18
CA GLU F 4 -28.36 9.76 13.87
C GLU F 4 -27.19 10.10 12.94
N SER F 5 -26.18 10.74 13.52
CA SER F 5 -24.98 11.05 12.77
C SER F 5 -23.90 11.30 13.82
N TYR F 6 -22.65 11.19 13.40
CA TYR F 6 -21.54 11.42 14.30
C TYR F 6 -21.19 12.91 14.40
N ALA F 7 -21.99 13.74 13.72
CA ALA F 7 -21.74 15.17 13.68
C ALA F 7 -21.26 15.85 14.99
N ILE F 8 -22.01 15.71 16.08
CA ILE F 8 -21.62 16.38 17.34
C ILE F 8 -20.28 15.88 17.88
N TYR F 9 -19.94 14.64 17.62
CA TYR F 9 -18.69 14.09 18.10
C TYR F 9 -17.56 14.55 17.19
N VAL F 10 -17.86 14.68 15.90
CA VAL F 10 -16.83 15.15 14.97
C VAL F 10 -16.53 16.59 15.38
N TYR F 11 -17.57 17.34 15.70
CA TYR F 11 -17.43 18.75 16.09
C TYR F 11 -16.58 18.88 17.37
N LYS F 12 -16.82 18.02 18.35
CA LYS F 12 -16.06 18.06 19.60
C LYS F 12 -14.59 17.84 19.32
N VAL F 13 -14.31 16.88 18.46
CA VAL F 13 -12.92 16.62 18.12
C VAL F 13 -12.37 17.77 17.32
N LEU F 14 -13.15 18.30 16.39
CA LEU F 14 -12.63 19.44 15.62
C LEU F 14 -12.15 20.56 16.60
N LYS F 15 -12.98 20.84 17.59
CA LYS F 15 -12.68 21.88 18.58
C LYS F 15 -11.45 21.57 19.38
N GLN F 16 -11.13 20.30 19.56
CA GLN F 16 -9.91 19.99 20.30
C GLN F 16 -8.63 20.25 19.48
N VAL F 17 -8.68 19.95 18.19
CA VAL F 17 -7.49 20.13 17.39
C VAL F 17 -7.23 21.50 16.80
N HIS F 18 -8.33 22.15 16.47
CA HIS F 18 -8.40 23.47 15.82
C HIS F 18 -9.56 24.26 16.41
N PRO F 19 -9.36 24.82 17.62
CA PRO F 19 -10.34 25.60 18.38
C PRO F 19 -11.14 26.65 17.66
N ASP F 20 -10.53 27.35 16.73
CA ASP F 20 -11.23 28.43 16.03
C ASP F 20 -11.58 28.10 14.58
N THR F 21 -11.63 26.81 14.26
CA THR F 21 -11.92 26.39 12.89
C THR F 21 -13.32 25.74 12.87
N GLY F 22 -14.14 26.12 11.90
CA GLY F 22 -15.45 25.49 11.78
C GLY F 22 -15.47 24.44 10.63
N ILE F 23 -16.64 23.92 10.29
CA ILE F 23 -16.75 22.94 9.20
C ILE F 23 -18.14 23.15 8.51
N SER F 24 -18.17 23.14 7.18
CA SER F 24 -19.39 23.36 6.43
C SER F 24 -20.24 22.11 6.56
N SER F 25 -21.52 22.20 6.23
CA SER F 25 -22.36 21.03 6.36
C SER F 25 -21.94 19.94 5.36
N LYS F 26 -21.50 20.33 4.16
CA LYS F 26 -21.11 19.30 3.18
C LYS F 26 -19.86 18.56 3.66
N ALA F 27 -18.91 19.28 4.30
CA ALA F 27 -17.70 18.62 4.83
C ALA F 27 -18.09 17.75 5.98
N MET F 28 -19.05 18.17 6.80
CA MET F 28 -19.48 17.35 7.93
C MET F 28 -20.16 16.10 7.36
N SER F 29 -20.86 16.24 6.25
CA SER F 29 -21.48 15.05 5.67
C SER F 29 -20.39 14.09 5.20
N ILE F 30 -19.32 14.63 4.63
CA ILE F 30 -18.22 13.80 4.22
C ILE F 30 -17.60 13.11 5.47
N MET F 31 -17.43 13.87 6.56
CA MET F 31 -16.86 13.27 7.77
C MET F 31 -17.79 12.17 8.31
N ASN F 32 -19.11 12.38 8.25
CA ASN F 32 -20.02 11.36 8.73
C ASN F 32 -19.90 10.10 7.86
N SER F 33 -19.74 10.26 6.54
CA SER F 33 -19.56 9.11 5.60
C SER F 33 -18.26 8.38 5.96
N PHE F 34 -17.22 9.16 6.27
CA PHE F 34 -15.92 8.59 6.60
C PHE F 34 -16.04 7.74 7.85
N VAL F 35 -16.59 8.31 8.91
CA VAL F 35 -16.70 7.51 10.12
C VAL F 35 -17.53 6.22 9.89
N ASN F 36 -18.69 6.31 9.24
CA ASN F 36 -19.49 5.12 8.95
C ASN F 36 -18.75 4.12 8.10
N ASP F 37 -18.01 4.63 7.12
CA ASP F 37 -17.25 3.79 6.22
C ASP F 37 -16.21 2.96 7.00
N VAL F 38 -15.38 3.65 7.81
CA VAL F 38 -14.35 2.96 8.59
C VAL F 38 -15.00 2.05 9.63
N PHE F 39 -16.09 2.51 10.25
CA PHE F 39 -16.77 1.62 11.21
C PHE F 39 -17.11 0.30 10.49
N GLU F 40 -17.80 0.40 9.35
CA GLU F 40 -18.21 -0.83 8.63
C GLU F 40 -17.01 -1.66 8.21
N ARG F 41 -15.96 -1.01 7.73
CA ARG F 41 -14.80 -1.75 7.30
C ARG F 41 -14.17 -2.50 8.45
N ILE F 42 -13.95 -1.78 9.56
CA ILE F 42 -13.35 -2.44 10.71
C ILE F 42 -14.29 -3.55 11.25
N ALA F 43 -15.59 -3.24 11.35
CA ALA F 43 -16.56 -4.21 11.90
C ALA F 43 -16.65 -5.44 11.01
N GLY F 44 -16.63 -5.26 9.71
CA GLY F 44 -16.67 -6.39 8.79
C GLY F 44 -15.42 -7.25 8.88
N GLU F 45 -14.25 -6.62 8.95
CA GLU F 45 -12.99 -7.36 9.09
C GLU F 45 -13.06 -8.13 10.43
N ALA F 46 -13.61 -7.50 11.48
CA ALA F 46 -13.72 -8.15 12.81
C ALA F 46 -14.64 -9.36 12.74
N SER F 47 -15.78 -9.20 12.06
CA SER F 47 -16.75 -10.28 11.86
C SER F 47 -16.15 -11.52 11.20
N ARG F 48 -15.45 -11.29 10.08
CA ARG F 48 -14.82 -12.36 9.32
C ARG F 48 -13.79 -13.00 10.19
N LEU F 49 -12.98 -12.18 10.84
CA LEU F 49 -11.95 -12.68 11.72
C LEU F 49 -12.53 -13.65 12.76
N ALA F 50 -13.58 -13.23 13.46
CA ALA F 50 -14.21 -14.07 14.45
C ALA F 50 -14.75 -15.34 13.78
N HIS F 51 -15.36 -15.20 12.62
CA HIS F 51 -15.91 -16.39 11.96
C HIS F 51 -14.80 -17.35 11.60
N TYR F 52 -13.74 -16.83 10.98
CA TYR F 52 -12.59 -17.66 10.61
C TYR F 52 -12.08 -18.45 11.81
N ASN F 53 -12.16 -17.87 13.01
CA ASN F 53 -11.69 -18.55 14.22
C ASN F 53 -12.79 -19.22 15.02
N LYS F 54 -13.94 -19.41 14.38
CA LYS F 54 -15.06 -20.06 15.05
C LYS F 54 -15.41 -19.46 16.41
N ARG F 55 -15.40 -18.14 16.49
CA ARG F 55 -15.73 -17.42 17.72
C ARG F 55 -17.03 -16.69 17.49
N SER F 56 -17.93 -16.76 18.45
CA SER F 56 -19.20 -16.05 18.30
C SER F 56 -19.13 -14.65 18.92
N THR F 57 -17.96 -14.28 19.47
CA THR F 57 -17.83 -12.97 20.10
C THR F 57 -16.81 -12.01 19.46
N ILE F 58 -17.22 -10.79 19.23
CA ILE F 58 -16.26 -9.82 18.72
C ILE F 58 -15.82 -9.05 19.96
N THR F 59 -14.57 -9.22 20.34
CA THR F 59 -14.01 -8.52 21.50
C THR F 59 -13.04 -7.46 21.00
N SER F 60 -12.46 -6.70 21.91
CA SER F 60 -11.55 -5.66 21.52
C SER F 60 -10.37 -6.26 20.79
N ARG F 61 -10.10 -7.53 21.06
CA ARG F 61 -8.98 -8.19 20.36
C ARG F 61 -9.26 -8.35 18.85
N GLU F 62 -10.51 -8.60 18.46
CA GLU F 62 -10.83 -8.72 17.04
C GLU F 62 -10.80 -7.31 16.44
N ILE F 63 -11.24 -6.31 17.20
CA ILE F 63 -11.21 -4.95 16.66
C ILE F 63 -9.76 -4.57 16.42
N GLN F 64 -8.88 -4.95 17.35
CA GLN F 64 -7.46 -4.59 17.19
C GLN F 64 -6.85 -5.24 15.97
N THR F 65 -7.12 -6.52 15.77
CA THR F 65 -6.57 -7.19 14.59
C THR F 65 -7.18 -6.62 13.30
N ALA F 66 -8.47 -6.31 13.33
CA ALA F 66 -9.13 -5.73 12.16
C ALA F 66 -8.44 -4.40 11.82
N VAL F 67 -8.15 -3.63 12.87
CA VAL F 67 -7.49 -2.35 12.68
C VAL F 67 -6.13 -2.51 12.04
N ARG F 68 -5.39 -3.53 12.45
CA ARG F 68 -4.07 -3.78 11.91
C ARG F 68 -4.15 -4.20 10.45
N LEU F 69 -5.15 -5.02 10.12
CA LEU F 69 -5.37 -5.46 8.74
C LEU F 69 -5.81 -4.31 7.85
N LEU F 70 -6.65 -3.43 8.38
CA LEU F 70 -7.21 -2.35 7.58
C LEU F 70 -6.37 -1.09 7.42
N LEU F 71 -5.70 -0.65 8.49
CA LEU F 71 -4.99 0.60 8.43
C LEU F 71 -3.54 0.58 8.00
N PRO F 72 -3.12 1.59 7.21
CA PRO F 72 -1.73 1.64 6.75
C PRO F 72 -0.86 1.85 8.00
N GLY F 73 0.40 1.45 7.88
CA GLY F 73 1.40 1.55 8.92
C GLY F 73 1.26 2.41 10.16
N GLU F 74 1.67 3.66 10.03
CA GLU F 74 1.65 4.58 11.14
C GLU F 74 0.25 4.83 11.71
N LEU F 75 -0.80 4.80 10.88
CA LEU F 75 -2.15 5.01 11.41
C LEU F 75 -2.54 3.80 12.26
N ALA F 76 -2.18 2.61 11.81
CA ALA F 76 -2.55 1.44 12.61
C ALA F 76 -1.88 1.52 13.99
N LYS F 77 -0.61 1.91 14.03
CA LYS F 77 0.16 2.01 15.28
C LYS F 77 -0.50 2.92 16.28
N HIS F 78 -0.86 4.11 15.82
CA HIS F 78 -1.49 5.09 16.68
C HIS F 78 -2.92 4.70 17.06
N ALA F 79 -3.66 4.13 16.12
CA ALA F 79 -5.04 3.70 16.41
C ALA F 79 -4.95 2.62 17.49
N VAL F 80 -4.06 1.66 17.31
CA VAL F 80 -3.87 0.60 18.29
C VAL F 80 -3.58 1.15 19.70
N SER F 81 -2.67 2.11 19.82
CA SER F 81 -2.36 2.71 21.14
C SER F 81 -3.58 3.37 21.75
N GLU F 82 -4.27 4.17 20.95
CA GLU F 82 -5.46 4.85 21.44
C GLU F 82 -6.57 3.88 21.88
N GLY F 83 -6.79 2.81 21.11
CA GLY F 83 -7.82 1.88 21.50
C GLY F 83 -7.43 1.09 22.75
N THR F 84 -6.19 0.63 22.77
CA THR F 84 -5.69 -0.11 23.93
C THR F 84 -5.82 0.78 25.19
N LYS F 85 -5.38 2.01 25.05
CA LYS F 85 -5.45 2.92 26.16
C LYS F 85 -6.90 3.12 26.62
N ALA F 86 -7.81 3.27 25.66
CA ALA F 86 -9.21 3.51 26.00
C ALA F 86 -9.81 2.32 26.76
N VAL F 87 -9.42 1.10 26.36
CA VAL F 87 -9.95 -0.10 27.02
C VAL F 87 -9.33 -0.27 28.40
N THR F 88 -8.01 -0.14 28.52
CA THR F 88 -7.37 -0.24 29.81
C THR F 88 -8.00 0.77 30.78
N LYS F 89 -8.24 2.00 30.31
CA LYS F 89 -8.86 3.01 31.16
C LYS F 89 -10.28 2.63 31.52
N TYR F 90 -11.02 2.19 30.50
CA TYR F 90 -12.41 1.80 30.69
C TYR F 90 -12.58 0.73 31.78
N THR F 91 -11.70 -0.25 31.71
CA THR F 91 -11.72 -1.37 32.62
C THR F 91 -11.21 -1.02 34.01
N SER F 92 -10.53 0.13 34.13
CA SER F 92 -10.01 0.54 35.40
C SER F 92 -11.07 1.36 36.12
N ALA F 93 -12.06 1.83 35.38
CA ALA F 93 -13.11 2.66 35.94
C ALA F 93 -14.40 2.00 36.39
N LYS F 94 -14.31 0.95 37.22
CA LYS F 94 -15.51 0.28 37.73
C LYS F 94 -15.21 -0.97 38.56
N PRO G 1 -2.72 41.80 -33.70
CA PRO G 1 -3.54 41.15 -32.66
C PRO G 1 -2.74 40.09 -31.89
N HIS G 2 -2.76 40.21 -30.57
CA HIS G 2 -2.04 39.29 -29.68
C HIS G 2 -2.58 37.86 -29.73
N ARG G 3 -1.67 36.90 -29.60
CA ARG G 3 -2.03 35.49 -29.61
C ARG G 3 -1.13 34.65 -28.71
N TYR G 4 -1.70 33.89 -27.78
CA TYR G 4 -0.86 33.02 -26.97
C TYR G 4 -0.57 31.89 -27.90
N ARG G 5 0.57 31.24 -27.71
CA ARG G 5 0.94 30.12 -28.57
C ARG G 5 0.10 28.87 -28.22
N PRO G 6 -0.09 27.96 -29.18
CA PRO G 6 -0.90 26.80 -28.83
C PRO G 6 -0.26 26.01 -27.67
N GLY G 7 -1.06 25.75 -26.65
CA GLY G 7 -0.57 25.01 -25.49
C GLY G 7 -0.54 25.88 -24.25
N THR G 8 -0.31 27.17 -24.46
CA THR G 8 -0.25 28.13 -23.38
C THR G 8 -1.57 28.25 -22.66
N VAL G 9 -2.65 28.44 -23.39
CA VAL G 9 -3.94 28.56 -22.77
C VAL G 9 -4.36 27.18 -22.20
N ALA G 10 -4.03 26.11 -22.91
CA ALA G 10 -4.34 24.76 -22.43
C ALA G 10 -3.73 24.59 -21.02
N LEU G 11 -2.46 24.97 -20.86
CA LEU G 11 -1.81 24.85 -19.55
C LEU G 11 -2.51 25.74 -18.55
N ARG G 12 -2.90 26.94 -18.98
CA ARG G 12 -3.62 27.82 -18.07
C ARG G 12 -4.93 27.15 -17.60
N GLU G 13 -5.61 26.48 -18.52
CA GLU G 13 -6.86 25.84 -18.18
C GLU G 13 -6.61 24.69 -17.19
N ILE G 14 -5.54 23.95 -17.39
CA ILE G 14 -5.25 22.87 -16.47
C ILE G 14 -5.11 23.44 -15.03
N ARG G 15 -4.32 24.51 -14.88
CA ARG G 15 -4.12 25.08 -13.55
C ARG G 15 -5.42 25.61 -12.93
N ARG G 16 -6.25 26.20 -13.78
CA ARG G 16 -7.49 26.72 -13.30
C ARG G 16 -8.40 25.61 -12.76
N TYR G 17 -8.61 24.57 -13.58
CA TYR G 17 -9.53 23.51 -13.17
C TYR G 17 -8.97 22.63 -12.08
N GLN G 18 -7.65 22.49 -11.99
CA GLN G 18 -7.12 21.64 -10.91
C GLN G 18 -7.18 22.39 -9.59
N LYS G 19 -7.52 23.67 -9.65
CA LYS G 19 -7.59 24.51 -8.45
C LYS G 19 -9.01 24.53 -7.94
N SER G 20 -9.98 24.24 -8.81
CA SER G 20 -11.37 24.33 -8.37
C SER G 20 -12.05 22.99 -8.21
N THR G 21 -13.28 23.02 -7.73
CA THR G 21 -13.98 21.77 -7.53
C THR G 21 -15.37 21.71 -8.16
N GLU G 22 -15.85 22.79 -8.77
CA GLU G 22 -17.20 22.72 -9.32
C GLU G 22 -17.31 21.69 -10.44
N LEU G 23 -18.49 21.11 -10.57
CA LEU G 23 -18.71 20.14 -11.63
C LEU G 23 -18.52 20.84 -12.99
N LEU G 24 -18.05 20.08 -13.97
CA LEU G 24 -17.71 20.61 -15.30
C LEU G 24 -18.70 20.29 -16.43
N ILE G 25 -19.59 19.32 -16.20
CA ILE G 25 -20.61 18.99 -17.20
C ILE G 25 -21.84 19.84 -16.79
N ARG G 26 -22.57 20.38 -17.75
CA ARG G 26 -23.77 21.17 -17.46
C ARG G 26 -24.75 20.27 -16.74
N LYS G 27 -25.40 20.82 -15.72
CA LYS G 27 -26.32 20.04 -14.89
C LYS G 27 -27.59 19.48 -15.53
N LEU G 28 -28.37 20.31 -16.21
CA LEU G 28 -29.59 19.77 -16.81
C LEU G 28 -29.26 18.71 -17.87
N PRO G 29 -28.31 19.00 -18.77
CA PRO G 29 -28.00 17.99 -19.79
C PRO G 29 -27.59 16.67 -19.13
N PHE G 30 -26.81 16.73 -18.05
CA PHE G 30 -26.43 15.50 -17.40
C PHE G 30 -27.69 14.83 -16.77
N GLN G 31 -28.56 15.62 -16.17
CA GLN G 31 -29.77 15.04 -15.61
C GLN G 31 -30.64 14.31 -16.68
N ARG G 32 -30.69 14.86 -17.89
CA ARG G 32 -31.47 14.24 -18.98
C ARG G 32 -30.82 12.92 -19.40
N LEU G 33 -29.49 12.92 -19.47
CA LEU G 33 -28.81 11.68 -19.84
C LEU G 33 -29.13 10.61 -18.79
N VAL G 34 -29.07 10.98 -17.51
CA VAL G 34 -29.37 10.03 -16.44
C VAL G 34 -30.80 9.50 -16.62
N ARG G 35 -31.77 10.40 -16.81
CA ARG G 35 -33.16 10.00 -16.99
C ARG G 35 -33.39 9.13 -18.24
N GLU G 36 -32.71 9.45 -19.33
CA GLU G 36 -32.84 8.68 -20.55
C GLU G 36 -32.37 7.26 -20.31
N ILE G 37 -31.17 7.16 -19.76
CA ILE G 37 -30.61 5.84 -19.49
C ILE G 37 -31.48 5.08 -18.53
N ALA G 38 -31.85 5.70 -17.41
CA ALA G 38 -32.67 5.01 -16.42
C ALA G 38 -34.00 4.54 -17.01
N GLN G 39 -34.59 5.40 -17.82
CA GLN G 39 -35.87 5.10 -18.45
C GLN G 39 -35.80 3.85 -19.33
N ASP G 40 -34.69 3.67 -20.04
CA ASP G 40 -34.54 2.46 -20.85
C ASP G 40 -34.41 1.21 -19.97
N PHE G 41 -34.02 1.38 -18.71
CA PHE G 41 -33.91 0.25 -17.80
C PHE G 41 -35.26 -0.04 -17.19
N LYS G 42 -35.96 1.02 -16.80
CA LYS G 42 -37.24 0.87 -16.13
C LYS G 42 -38.06 2.14 -16.32
N THR G 43 -39.31 2.00 -16.77
CA THR G 43 -40.14 3.17 -17.03
C THR G 43 -40.73 3.73 -15.76
N ASP G 44 -41.16 4.98 -15.82
CA ASP G 44 -41.83 5.66 -14.73
C ASP G 44 -41.06 5.84 -13.43
N LEU G 45 -39.75 6.03 -13.52
CA LEU G 45 -38.98 6.23 -12.30
C LEU G 45 -38.92 7.70 -11.98
N ARG G 46 -38.81 8.01 -10.70
CA ARG G 46 -38.62 9.39 -10.28
C ARG G 46 -37.19 9.40 -9.65
N PHE G 47 -36.60 10.57 -9.45
CA PHE G 47 -35.24 10.71 -8.89
C PHE G 47 -35.18 11.79 -7.85
N GLN G 48 -34.54 11.51 -6.72
CA GLN G 48 -34.33 12.55 -5.70
C GLN G 48 -33.28 13.41 -6.35
N SER G 49 -33.33 14.72 -6.16
CA SER G 49 -32.33 15.58 -6.80
C SER G 49 -30.90 15.21 -6.34
N SER G 50 -30.71 14.86 -5.07
CA SER G 50 -29.38 14.46 -4.63
C SER G 50 -28.92 13.15 -5.28
N ALA G 51 -29.84 12.32 -5.77
CA ALA G 51 -29.44 11.08 -6.43
C ALA G 51 -28.78 11.44 -7.76
N VAL G 52 -29.32 12.44 -8.44
CA VAL G 52 -28.71 12.85 -9.71
C VAL G 52 -27.38 13.54 -9.45
N MET G 53 -27.26 14.35 -8.39
CA MET G 53 -26.00 15.02 -8.09
C MET G 53 -24.93 13.99 -7.68
N ALA G 54 -25.36 12.96 -6.94
CA ALA G 54 -24.43 11.90 -6.55
C ALA G 54 -23.88 11.22 -7.81
N LEU G 55 -24.75 10.92 -8.76
CA LEU G 55 -24.30 10.29 -10.01
C LEU G 55 -23.36 11.24 -10.72
N GLN G 56 -23.64 12.54 -10.68
CA GLN G 56 -22.76 13.45 -11.39
C GLN G 56 -21.38 13.58 -10.73
N GLU G 57 -21.34 13.68 -9.41
CA GLU G 57 -20.07 13.76 -8.68
C GLU G 57 -19.27 12.51 -8.97
N ALA G 58 -19.91 11.35 -8.89
CA ALA G 58 -19.19 10.11 -9.19
C ALA G 58 -18.75 9.99 -10.64
N SER G 59 -19.59 10.41 -11.60
CA SER G 59 -19.23 10.30 -13.02
C SER G 59 -18.07 11.23 -13.35
N GLU G 60 -18.10 12.45 -12.83
CA GLU G 60 -16.99 13.35 -13.12
C GLU G 60 -15.68 12.88 -12.45
N ALA G 61 -15.75 12.36 -11.22
CA ALA G 61 -14.51 11.92 -10.58
C ALA G 61 -13.95 10.78 -11.38
N TYR G 62 -14.85 9.90 -11.86
CA TYR G 62 -14.42 8.77 -12.64
C TYR G 62 -13.75 9.26 -13.91
N LEU G 63 -14.36 10.20 -14.63
CA LEU G 63 -13.75 10.66 -15.88
C LEU G 63 -12.43 11.42 -15.71
N VAL G 64 -12.36 12.27 -14.70
CA VAL G 64 -11.12 13.01 -14.46
C VAL G 64 -9.97 12.04 -14.20
N GLY G 65 -10.23 11.06 -13.32
CA GLY G 65 -9.20 10.05 -12.99
C GLY G 65 -8.86 9.19 -14.23
N LEU G 66 -9.85 8.91 -15.09
CA LEU G 66 -9.54 8.15 -16.30
C LEU G 66 -8.67 9.03 -17.24
N PHE G 67 -8.95 10.33 -17.33
CA PHE G 67 -8.12 11.19 -18.21
C PHE G 67 -6.70 11.28 -17.67
N GLU G 68 -6.53 11.19 -16.36
CA GLU G 68 -5.17 11.23 -15.80
C GLU G 68 -4.43 10.00 -16.32
N ASP G 69 -5.08 8.83 -16.22
CA ASP G 69 -4.43 7.56 -16.68
C ASP G 69 -4.19 7.61 -18.21
N THR G 70 -5.17 8.13 -18.94
CA THR G 70 -5.09 8.26 -20.39
C THR G 70 -3.88 9.12 -20.74
N ASN G 71 -3.73 10.22 -20.02
CA ASN G 71 -2.63 11.13 -20.25
C ASN G 71 -1.29 10.40 -20.06
N LEU G 72 -1.22 9.60 -19.00
CA LEU G 72 0.00 8.87 -18.75
C LEU G 72 0.27 7.92 -19.94
N CYS G 73 -0.79 7.34 -20.52
CA CYS G 73 -0.62 6.44 -21.65
C CYS G 73 -0.12 7.17 -22.91
N ALA G 74 -0.60 8.37 -23.15
CA ALA G 74 -0.14 9.15 -24.29
C ALA G 74 1.33 9.51 -24.10
N ILE G 75 1.67 10.00 -22.91
CA ILE G 75 3.04 10.39 -22.59
C ILE G 75 3.97 9.19 -22.70
N HIS G 76 3.47 8.03 -22.34
CA HIS G 76 4.23 6.80 -22.42
C HIS G 76 4.61 6.57 -23.89
N ALA G 77 3.72 6.96 -24.80
CA ALA G 77 3.99 6.76 -26.22
C ALA G 77 4.71 7.97 -26.82
N LYS G 78 5.27 8.83 -25.98
CA LYS G 78 5.99 10.00 -26.46
C LYS G 78 5.09 11.04 -27.13
N ARG G 79 3.83 11.05 -26.74
CA ARG G 79 2.89 12.02 -27.26
C ARG G 79 2.42 12.91 -26.12
N VAL G 80 1.76 14.01 -26.44
CA VAL G 80 1.22 14.90 -25.46
C VAL G 80 -0.28 15.01 -25.78
N THR G 81 -0.69 14.35 -26.86
CA THR G 81 -2.09 14.37 -27.29
C THR G 81 -2.79 13.06 -26.92
N ILE G 82 -3.85 13.11 -26.12
CA ILE G 82 -4.52 11.86 -25.79
C ILE G 82 -5.37 11.41 -26.98
N MET G 83 -5.42 10.09 -27.17
CA MET G 83 -6.16 9.52 -28.28
C MET G 83 -7.00 8.35 -27.81
N PRO G 84 -8.00 7.94 -28.62
CA PRO G 84 -8.84 6.81 -28.18
C PRO G 84 -8.01 5.59 -27.72
N LYS G 85 -6.91 5.29 -28.39
CA LYS G 85 -6.13 4.12 -27.95
C LYS G 85 -5.56 4.28 -26.52
N ASP G 86 -5.35 5.52 -26.07
CA ASP G 86 -4.84 5.73 -24.70
C ASP G 86 -5.94 5.42 -23.67
N ILE G 87 -7.16 5.87 -23.96
CA ILE G 87 -8.27 5.62 -23.05
C ILE G 87 -8.49 4.09 -22.97
N GLN G 88 -8.44 3.45 -24.14
CA GLN G 88 -8.64 1.98 -24.24
C GLN G 88 -7.55 1.21 -23.48
N LEU G 89 -6.30 1.62 -23.62
CA LEU G 89 -5.26 0.93 -22.87
C LEU G 89 -5.50 1.16 -21.37
N ALA G 90 -5.81 2.39 -20.98
CA ALA G 90 -6.05 2.69 -19.56
C ALA G 90 -7.20 1.82 -19.03
N ARG G 91 -8.31 1.71 -19.76
CA ARG G 91 -9.43 0.91 -19.28
C ARG G 91 -9.08 -0.58 -19.28
N ARG G 92 -8.32 -1.00 -20.28
CA ARG G 92 -7.91 -2.40 -20.28
C ARG G 92 -7.02 -2.74 -19.05
N ILE G 93 -6.05 -1.89 -18.72
CA ILE G 93 -5.18 -2.20 -17.58
C ILE G 93 -5.97 -2.16 -16.28
N ARG G 94 -6.92 -1.23 -16.19
CA ARG G 94 -7.79 -1.11 -15.01
C ARG G 94 -8.72 -2.28 -14.84
N GLY G 95 -8.87 -3.13 -15.86
CA GLY G 95 -9.79 -4.23 -15.71
C GLY G 95 -11.22 -3.81 -16.05
N GLU G 96 -11.39 -2.68 -16.74
CA GLU G 96 -12.73 -2.24 -17.13
C GLU G 96 -13.13 -2.93 -18.43
N ARG G 97 -12.15 -3.47 -19.12
CA ARG G 97 -12.39 -4.17 -20.38
C ARG G 97 -11.42 -5.36 -20.50
N ALA G 98 -10.34 -5.30 -19.73
CA ALA G 98 -9.25 -6.30 -19.66
C ALA G 98 -9.28 -7.59 -20.51
N LYS H 1 -52.34 11.80 -16.04
CA LYS H 1 -51.08 12.44 -16.53
C LYS H 1 -51.03 12.40 -18.06
N ARG H 2 -50.96 13.57 -18.67
CA ARG H 2 -50.91 13.65 -20.13
C ARG H 2 -49.53 13.87 -20.70
N HIS H 3 -49.14 13.01 -21.64
CA HIS H 3 -47.87 13.13 -22.33
C HIS H 3 -46.65 13.18 -21.41
N ARG H 4 -45.47 13.23 -22.02
CA ARG H 4 -44.19 13.29 -21.33
C ARG H 4 -43.11 13.09 -22.41
N LYS H 5 -42.62 14.22 -22.92
CA LYS H 5 -41.62 14.25 -23.98
C LYS H 5 -40.64 13.07 -24.04
N VAL H 6 -40.35 12.65 -25.27
CA VAL H 6 -39.47 11.53 -25.51
C VAL H 6 -38.01 11.94 -25.33
N LEU H 7 -37.27 11.17 -24.54
CA LEU H 7 -35.85 11.47 -24.31
C LEU H 7 -35.01 10.70 -25.31
N ARG H 8 -34.19 11.41 -26.09
CA ARG H 8 -33.31 10.79 -27.06
C ARG H 8 -32.03 11.60 -27.30
N ASP H 9 -30.92 10.91 -27.57
CA ASP H 9 -29.66 11.53 -27.91
C ASP H 9 -29.05 12.47 -26.88
N ASN H 10 -29.48 12.35 -25.64
CA ASN H 10 -28.93 13.21 -24.60
C ASN H 10 -27.48 12.98 -24.28
N ILE H 11 -26.87 11.97 -24.86
CA ILE H 11 -25.45 11.75 -24.62
C ILE H 11 -24.72 12.97 -25.25
N GLN H 12 -25.37 13.62 -26.23
CA GLN H 12 -24.75 14.78 -26.89
C GLN H 12 -24.76 16.01 -26.00
N GLY H 13 -25.44 15.91 -24.87
CA GLY H 13 -25.45 17.02 -23.92
C GLY H 13 -24.09 17.04 -23.21
N ILE H 14 -23.33 15.96 -23.33
CA ILE H 14 -21.98 15.90 -22.75
C ILE H 14 -21.15 16.49 -23.92
N THR H 15 -21.03 17.81 -23.92
CA THR H 15 -20.36 18.53 -25.01
C THR H 15 -18.85 18.50 -25.05
N LYS H 16 -18.32 18.85 -26.23
CA LYS H 16 -16.90 18.92 -26.44
C LYS H 16 -16.21 19.80 -25.36
N PRO H 17 -16.75 20.99 -25.08
CA PRO H 17 -16.08 21.81 -24.05
C PRO H 17 -16.15 21.18 -22.66
N ALA H 18 -17.25 20.51 -22.33
CA ALA H 18 -17.31 19.89 -21.01
C ALA H 18 -16.27 18.77 -20.91
N ILE H 19 -16.13 18.02 -21.98
CA ILE H 19 -15.16 16.94 -21.96
C ILE H 19 -13.75 17.53 -21.89
N ARG H 20 -13.51 18.63 -22.61
CA ARG H 20 -12.22 19.28 -22.59
C ARG H 20 -11.91 19.72 -21.15
N ARG H 21 -12.89 20.28 -20.46
CA ARG H 21 -12.70 20.75 -19.09
C ARG H 21 -12.36 19.58 -18.18
N LEU H 22 -13.10 18.49 -18.29
CA LEU H 22 -12.82 17.31 -17.48
C LEU H 22 -11.37 16.84 -17.75
N ALA H 23 -10.95 16.84 -19.02
CA ALA H 23 -9.59 16.39 -19.32
C ALA H 23 -8.57 17.38 -18.73
N ARG H 24 -8.91 18.68 -18.71
CA ARG H 24 -7.97 19.65 -18.14
C ARG H 24 -7.82 19.36 -16.64
N ARG H 25 -8.92 19.12 -15.93
CA ARG H 25 -8.78 18.79 -14.51
C ARG H 25 -7.90 17.53 -14.34
N GLY H 26 -7.96 16.66 -15.35
CA GLY H 26 -7.16 15.42 -15.32
C GLY H 26 -5.75 15.64 -15.83
N GLY H 27 -5.40 16.90 -16.03
CA GLY H 27 -4.05 17.28 -16.45
C GLY H 27 -3.72 17.17 -17.92
N VAL H 28 -4.75 17.07 -18.78
CA VAL H 28 -4.52 16.88 -20.21
C VAL H 28 -4.33 18.17 -20.96
N LYS H 29 -3.29 18.22 -21.77
CA LYS H 29 -2.98 19.43 -22.53
C LYS H 29 -3.42 19.45 -24.00
N ARG H 30 -3.50 18.30 -24.65
CA ARG H 30 -3.87 18.26 -26.07
C ARG H 30 -4.75 17.06 -26.26
N ILE H 31 -5.77 17.21 -27.10
CA ILE H 31 -6.82 16.22 -27.29
C ILE H 31 -7.18 15.94 -28.77
N SER H 32 -7.09 14.67 -29.16
CA SER H 32 -7.44 14.25 -30.52
C SER H 32 -8.96 14.43 -30.73
N GLY H 33 -9.34 14.79 -31.96
CA GLY H 33 -10.76 14.97 -32.24
C GLY H 33 -11.65 13.76 -31.98
N LEU H 34 -11.09 12.56 -32.00
CA LEU H 34 -11.88 11.36 -31.74
C LEU H 34 -12.18 11.09 -30.26
N ILE H 35 -11.53 11.86 -29.38
CA ILE H 35 -11.72 11.64 -27.96
C ILE H 35 -13.13 11.92 -27.48
N TYR H 36 -13.78 12.94 -28.05
CA TYR H 36 -15.11 13.27 -27.54
C TYR H 36 -16.11 12.14 -27.63
N GLU H 37 -16.20 11.50 -28.79
CA GLU H 37 -17.16 10.41 -28.93
C GLU H 37 -16.74 9.22 -28.08
N GLU H 38 -15.44 8.96 -27.99
CA GLU H 38 -14.95 7.86 -27.18
C GLU H 38 -15.34 8.09 -25.72
N THR H 39 -15.23 9.33 -25.25
CA THR H 39 -15.54 9.62 -23.86
C THR H 39 -17.03 9.48 -23.59
N ARG H 40 -17.87 9.91 -24.54
CA ARG H 40 -19.29 9.75 -24.35
C ARG H 40 -19.62 8.27 -24.19
N GLY H 41 -19.02 7.43 -25.03
CA GLY H 41 -19.27 6.00 -24.99
C GLY H 41 -18.86 5.43 -23.64
N VAL H 42 -17.71 5.88 -23.13
CA VAL H 42 -17.25 5.41 -21.82
C VAL H 42 -18.16 5.91 -20.71
N LEU H 43 -18.65 7.15 -20.82
CA LEU H 43 -19.50 7.66 -19.76
C LEU H 43 -20.83 6.92 -19.78
N LYS H 44 -21.32 6.57 -20.97
CA LYS H 44 -22.58 5.88 -21.04
C LYS H 44 -22.52 4.52 -20.36
N VAL H 45 -21.41 3.81 -20.54
CA VAL H 45 -21.24 2.50 -19.90
C VAL H 45 -21.18 2.68 -18.40
N PHE H 46 -20.40 3.66 -17.96
CA PHE H 46 -20.29 3.90 -16.54
C PHE H 46 -21.68 4.18 -15.95
N LEU H 47 -22.40 5.10 -16.56
CA LEU H 47 -23.74 5.41 -16.07
C LEU H 47 -24.72 4.25 -16.14
N GLU H 48 -24.74 3.50 -17.25
CA GLU H 48 -25.64 2.35 -17.35
C GLU H 48 -25.39 1.39 -16.20
N ASN H 49 -24.12 1.11 -15.93
CA ASN H 49 -23.77 0.17 -14.86
C ASN H 49 -24.21 0.66 -13.49
N VAL H 50 -23.87 1.90 -13.16
CA VAL H 50 -24.27 2.37 -11.82
C VAL H 50 -25.80 2.51 -11.72
N ILE H 51 -26.42 3.07 -12.76
CA ILE H 51 -27.88 3.26 -12.73
C ILE H 51 -28.61 1.92 -12.68
N ARG H 52 -28.13 0.92 -13.42
CA ARG H 52 -28.77 -0.40 -13.35
C ARG H 52 -28.86 -0.89 -11.90
N ASP H 53 -27.73 -0.87 -11.19
CA ASP H 53 -27.70 -1.34 -9.80
C ASP H 53 -28.52 -0.43 -8.91
N ALA H 54 -28.41 0.87 -9.12
CA ALA H 54 -29.16 1.78 -8.24
C ALA H 54 -30.67 1.48 -8.37
N VAL H 55 -31.14 1.35 -9.61
CA VAL H 55 -32.56 1.06 -9.83
C VAL H 55 -32.92 -0.33 -9.31
N THR H 56 -31.97 -1.24 -9.30
CA THR H 56 -32.25 -2.57 -8.75
C THR H 56 -32.54 -2.43 -7.27
N TYR H 57 -31.78 -1.57 -6.57
CA TYR H 57 -32.04 -1.33 -5.16
C TYR H 57 -33.42 -0.64 -5.02
N THR H 58 -33.71 0.32 -5.90
CA THR H 58 -35.01 1.04 -5.87
C THR H 58 -36.19 0.05 -5.98
N GLU H 59 -36.13 -0.85 -6.95
CA GLU H 59 -37.20 -1.84 -7.15
C GLU H 59 -37.32 -2.80 -5.98
N HIS H 60 -36.17 -3.25 -5.44
CA HIS H 60 -36.20 -4.16 -4.34
C HIS H 60 -36.94 -3.55 -3.14
N ALA H 61 -36.76 -2.26 -2.95
CA ALA H 61 -37.41 -1.60 -1.83
C ALA H 61 -38.85 -1.26 -2.21
N LYS H 62 -39.24 -1.64 -3.42
CA LYS H 62 -40.59 -1.36 -3.93
C LYS H 62 -40.90 0.12 -4.00
N ARG H 63 -39.91 0.93 -4.37
CA ARG H 63 -40.12 2.36 -4.48
C ARG H 63 -40.14 2.69 -5.95
N LYS H 64 -40.58 3.88 -6.30
CA LYS H 64 -40.59 4.30 -7.69
C LYS H 64 -39.58 5.44 -7.83
N THR H 65 -39.04 5.89 -6.70
CA THR H 65 -38.08 6.98 -6.67
C THR H 65 -36.65 6.49 -6.38
N VAL H 66 -35.71 6.80 -7.26
CA VAL H 66 -34.32 6.39 -7.05
C VAL H 66 -33.77 7.38 -6.02
N THR H 67 -33.28 6.88 -4.90
CA THR H 67 -32.77 7.76 -3.84
C THR H 67 -31.26 7.97 -3.94
N ALA H 68 -30.75 8.98 -3.23
CA ALA H 68 -29.31 9.22 -3.21
C ALA H 68 -28.69 7.94 -2.62
N MET H 69 -29.33 7.33 -1.64
CA MET H 69 -28.80 6.10 -1.04
C MET H 69 -28.78 4.95 -2.05
N ASP H 70 -29.79 4.83 -2.91
CA ASP H 70 -29.72 3.75 -3.93
C ASP H 70 -28.44 3.96 -4.77
N VAL H 71 -28.11 5.20 -5.08
CA VAL H 71 -26.89 5.49 -5.90
C VAL H 71 -25.59 5.21 -5.09
N VAL H 72 -25.56 5.67 -3.85
CA VAL H 72 -24.41 5.45 -2.95
C VAL H 72 -24.15 3.97 -2.81
N TYR H 73 -25.20 3.17 -2.58
CA TYR H 73 -25.02 1.73 -2.46
C TYR H 73 -24.56 1.13 -3.76
N ALA H 74 -25.12 1.62 -4.87
CA ALA H 74 -24.70 1.08 -6.18
C ALA H 74 -23.22 1.43 -6.41
N LEU H 75 -22.84 2.67 -6.09
CA LEU H 75 -21.43 3.05 -6.27
C LEU H 75 -20.52 2.21 -5.38
N LYS H 76 -20.92 2.01 -4.13
CA LYS H 76 -20.12 1.22 -3.22
C LYS H 76 -19.91 -0.20 -3.78
N ARG H 77 -20.99 -0.83 -4.26
CA ARG H 77 -20.94 -2.20 -4.84
C ARG H 77 -19.93 -2.29 -5.95
N GLN H 78 -19.84 -1.22 -6.72
CA GLN H 78 -18.91 -1.16 -7.80
C GLN H 78 -17.51 -0.71 -7.41
N GLY H 79 -17.24 -0.56 -6.12
CA GLY H 79 -15.88 -0.15 -5.76
C GLY H 79 -15.58 1.31 -6.07
N ARG H 80 -16.62 2.16 -6.05
CA ARG H 80 -16.50 3.60 -6.31
C ARG H 80 -17.17 4.36 -5.14
N THR H 81 -16.92 3.90 -3.91
CA THR H 81 -17.50 4.53 -2.71
C THR H 81 -17.49 6.04 -2.81
N LEU H 82 -18.63 6.65 -2.53
CA LEU H 82 -18.79 8.09 -2.63
C LEU H 82 -19.17 8.63 -1.25
N TYR H 83 -18.48 9.67 -0.80
CA TYR H 83 -18.82 10.29 0.48
C TYR H 83 -19.54 11.60 0.18
N GLY H 84 -20.45 11.99 1.07
CA GLY H 84 -21.11 13.27 0.91
C GLY H 84 -22.59 13.19 0.65
N PHE H 85 -23.13 12.01 0.41
CA PHE H 85 -24.54 11.95 0.14
C PHE H 85 -25.33 11.02 1.02
N GLY H 86 -24.82 10.77 2.22
CA GLY H 86 -25.49 9.89 3.18
C GLY H 86 -24.79 8.56 3.20
N GLY H 87 -23.79 8.43 2.32
CA GLY H 87 -23.06 7.20 2.24
C GLY H 87 -21.66 7.39 2.73
N ALA I 1 -39.74 -39.07 6.29
CA ALA I 1 -39.33 -37.64 6.07
C ALA I 1 -38.57 -37.50 4.75
N LYS I 2 -38.91 -36.46 4.01
CA LYS I 2 -38.25 -36.18 2.74
C LYS I 2 -37.33 -34.97 2.91
N THR I 3 -36.10 -35.08 2.43
CA THR I 3 -35.16 -33.97 2.56
C THR I 3 -35.67 -32.75 1.83
N ARG I 4 -35.35 -31.57 2.34
CA ARG I 4 -35.76 -30.35 1.69
C ARG I 4 -35.20 -30.30 0.27
N SER I 5 -34.00 -30.85 0.08
CA SER I 5 -33.42 -30.87 -1.26
C SER I 5 -34.31 -31.63 -2.24
N SER I 6 -34.75 -32.83 -1.84
CA SER I 6 -35.60 -33.64 -2.72
C SER I 6 -36.92 -32.93 -3.03
N ARG I 7 -37.50 -32.29 -2.03
CA ARG I 7 -38.75 -31.55 -2.23
C ARG I 7 -38.55 -30.43 -3.24
N ALA I 8 -37.36 -29.85 -3.26
CA ALA I 8 -37.07 -28.74 -4.17
C ALA I 8 -36.57 -29.25 -5.50
N GLY I 9 -36.31 -30.54 -5.55
CA GLY I 9 -35.82 -31.15 -6.78
C GLY I 9 -34.38 -30.76 -7.03
N LEU I 10 -33.62 -30.59 -5.95
CA LEU I 10 -32.23 -30.20 -6.05
C LEU I 10 -31.25 -31.24 -5.58
N GLN I 11 -30.02 -31.15 -6.08
CA GLN I 11 -28.94 -32.02 -5.67
C GLN I 11 -28.22 -31.33 -4.50
N PHE I 12 -28.11 -30.00 -4.55
CA PHE I 12 -27.45 -29.28 -3.47
C PHE I 12 -28.26 -29.33 -2.18
N PRO I 13 -27.59 -29.37 -1.02
CA PRO I 13 -28.20 -29.44 0.31
C PRO I 13 -28.89 -28.20 0.88
N VAL I 14 -30.19 -28.14 0.72
CA VAL I 14 -30.97 -27.04 1.26
C VAL I 14 -30.71 -26.92 2.76
N GLY I 15 -30.84 -28.02 3.48
CA GLY I 15 -30.63 -27.99 4.92
C GLY I 15 -29.31 -27.34 5.34
N ARG I 16 -28.23 -27.75 4.68
CA ARG I 16 -26.92 -27.20 4.98
C ARG I 16 -26.84 -25.70 4.61
N VAL I 17 -27.46 -25.32 3.50
CA VAL I 17 -27.43 -23.93 3.05
C VAL I 17 -28.18 -23.07 4.06
N HIS I 18 -29.28 -23.59 4.61
CA HIS I 18 -30.06 -22.86 5.61
C HIS I 18 -29.17 -22.63 6.84
N ARG I 19 -28.52 -23.70 7.27
CA ARG I 19 -27.65 -23.68 8.43
C ARG I 19 -26.50 -22.68 8.23
N LEU I 20 -25.84 -22.78 7.08
CA LEU I 20 -24.75 -21.86 6.79
C LEU I 20 -25.25 -20.40 6.76
N LEU I 21 -26.44 -20.16 6.25
CA LEU I 21 -26.97 -18.80 6.23
C LEU I 21 -27.20 -18.28 7.65
N ARG I 22 -27.78 -19.11 8.51
CA ARG I 22 -28.08 -18.72 9.89
C ARG I 22 -26.84 -18.39 10.70
N LYS I 23 -25.82 -19.22 10.59
CA LYS I 23 -24.61 -19.02 11.35
C LYS I 23 -23.62 -18.07 10.72
N GLY I 24 -23.92 -17.62 9.50
CA GLY I 24 -23.01 -16.70 8.86
C GLY I 24 -23.26 -15.27 9.34
N ASN I 25 -24.21 -15.09 10.25
CA ASN I 25 -24.53 -13.75 10.73
C ASN I 25 -24.91 -12.79 9.62
N TYR I 26 -25.72 -13.25 8.68
CA TYR I 26 -26.16 -12.40 7.58
C TYR I 26 -27.39 -11.58 7.94
N ALA I 27 -28.24 -12.14 8.79
CA ALA I 27 -29.45 -11.47 9.24
C ALA I 27 -29.94 -12.16 10.52
N GLU I 28 -30.81 -11.52 11.28
CA GLU I 28 -31.32 -12.14 12.50
C GLU I 28 -32.17 -13.36 12.12
N ARG I 29 -32.91 -13.26 11.04
CA ARG I 29 -33.76 -14.36 10.61
C ARG I 29 -33.51 -14.74 9.15
N VAL I 30 -33.86 -15.98 8.81
CA VAL I 30 -33.71 -16.50 7.46
C VAL I 30 -34.98 -17.23 7.08
N GLY I 31 -35.71 -16.72 6.10
CA GLY I 31 -36.93 -17.35 5.67
C GLY I 31 -36.70 -18.73 5.06
N ALA I 32 -37.77 -19.51 4.99
CA ALA I 32 -37.74 -20.87 4.46
C ALA I 32 -37.33 -21.02 3.00
N GLY I 33 -37.77 -20.12 2.15
CA GLY I 33 -37.41 -20.23 0.74
C GLY I 33 -35.98 -19.80 0.38
N ALA I 34 -35.37 -18.94 1.22
CA ALA I 34 -34.02 -18.43 0.96
C ALA I 34 -32.99 -19.51 0.69
N PRO I 35 -32.86 -20.48 1.62
CA PRO I 35 -31.88 -21.56 1.39
C PRO I 35 -32.23 -22.41 0.18
N VAL I 36 -33.51 -22.50 -0.17
CA VAL I 36 -33.89 -23.30 -1.34
C VAL I 36 -33.45 -22.56 -2.59
N TYR I 37 -33.84 -21.29 -2.69
CA TYR I 37 -33.47 -20.46 -3.83
C TYR I 37 -31.93 -20.44 -4.02
N LEU I 38 -31.22 -20.15 -2.92
CA LEU I 38 -29.78 -20.06 -2.96
C LEU I 38 -29.14 -21.38 -3.36
N ALA I 39 -29.61 -22.49 -2.81
CA ALA I 39 -29.04 -23.79 -3.18
C ALA I 39 -29.21 -24.02 -4.68
N ALA I 40 -30.38 -23.66 -5.20
CA ALA I 40 -30.67 -23.86 -6.62
C ALA I 40 -29.73 -23.04 -7.47
N VAL I 41 -29.43 -21.82 -7.01
CA VAL I 41 -28.52 -20.95 -7.74
C VAL I 41 -27.12 -21.53 -7.74
N LEU I 42 -26.69 -22.07 -6.60
CA LEU I 42 -25.36 -22.63 -6.49
C LEU I 42 -25.23 -23.87 -7.36
N GLU I 43 -26.31 -24.64 -7.42
CA GLU I 43 -26.33 -25.87 -8.23
C GLU I 43 -26.21 -25.51 -9.69
N TYR I 44 -27.04 -24.57 -10.12
CA TYR I 44 -27.04 -24.12 -11.51
C TYR I 44 -25.65 -23.60 -11.95
N LEU I 45 -25.03 -22.74 -11.13
CA LEU I 45 -23.73 -22.21 -11.51
C LEU I 45 -22.73 -23.33 -11.60
N THR I 46 -22.82 -24.26 -10.67
CA THR I 46 -21.92 -25.42 -10.64
C THR I 46 -22.08 -26.23 -11.96
N ALA I 47 -23.31 -26.51 -12.33
CA ALA I 47 -23.61 -27.24 -13.58
C ALA I 47 -23.04 -26.49 -14.77
N GLU I 48 -23.21 -25.17 -14.78
CA GLU I 48 -22.68 -24.37 -15.91
C GLU I 48 -21.17 -24.53 -16.09
N ILE I 49 -20.41 -24.38 -15.01
CA ILE I 49 -18.96 -24.51 -15.12
C ILE I 49 -18.51 -25.94 -15.45
N LEU I 50 -19.13 -26.92 -14.79
CA LEU I 50 -18.78 -28.34 -15.03
C LEU I 50 -19.15 -28.68 -16.48
N GLU I 51 -20.27 -28.15 -16.95
CA GLU I 51 -20.68 -28.40 -18.34
C GLU I 51 -19.57 -27.92 -19.30
N LEU I 52 -19.17 -26.66 -19.18
CA LEU I 52 -18.11 -26.13 -20.04
C LEU I 52 -16.74 -26.77 -19.73
N ALA I 53 -16.48 -27.06 -18.46
CA ALA I 53 -15.19 -27.66 -18.12
C ALA I 53 -15.11 -29.06 -18.75
N GLY I 54 -16.16 -29.84 -18.57
CA GLY I 54 -16.19 -31.18 -19.15
C GLY I 54 -15.95 -31.11 -20.64
N ASN I 55 -16.56 -30.12 -21.32
CA ASN I 55 -16.37 -29.95 -22.77
C ASN I 55 -14.90 -29.70 -23.10
N ALA I 56 -14.24 -28.94 -22.23
CA ALA I 56 -12.82 -28.63 -22.43
C ALA I 56 -11.98 -29.86 -22.23
N ALA I 57 -12.37 -30.71 -21.28
CA ALA I 57 -11.62 -31.95 -21.04
C ALA I 57 -11.76 -32.77 -22.33
N ARG I 58 -12.99 -32.83 -22.85
CA ARG I 58 -13.26 -33.58 -24.07
C ARG I 58 -12.41 -33.08 -25.23
N ASP I 59 -12.42 -31.77 -25.48
CA ASP I 59 -11.62 -31.21 -26.58
C ASP I 59 -10.16 -31.55 -26.40
N ASN I 60 -9.75 -31.73 -25.16
CA ASN I 60 -8.35 -32.05 -24.88
C ASN I 60 -8.13 -33.55 -24.84
N LYS I 61 -9.17 -34.31 -25.18
CA LYS I 61 -9.10 -35.76 -25.21
C LYS I 61 -8.91 -36.34 -23.81
N LYS I 62 -9.58 -35.73 -22.83
CA LYS I 62 -9.49 -36.19 -21.46
C LYS I 62 -10.86 -36.43 -20.88
N THR I 63 -10.96 -37.42 -20.01
CA THR I 63 -12.24 -37.75 -19.39
C THR I 63 -12.31 -37.21 -17.95
N ARG I 64 -11.18 -36.77 -17.42
CA ARG I 64 -11.18 -36.20 -16.07
C ARG I 64 -10.87 -34.69 -16.09
N ILE I 65 -11.78 -33.93 -15.51
CA ILE I 65 -11.65 -32.48 -15.40
C ILE I 65 -10.54 -32.12 -14.42
N ILE I 66 -9.57 -31.31 -14.84
CA ILE I 66 -8.48 -30.88 -13.95
C ILE I 66 -8.57 -29.35 -13.88
N PRO I 67 -7.76 -28.67 -13.04
CA PRO I 67 -7.86 -27.20 -12.97
C PRO I 67 -7.78 -26.47 -14.31
N ARG I 68 -6.87 -26.90 -15.17
CA ARG I 68 -6.71 -26.30 -16.48
C ARG I 68 -8.04 -26.19 -17.20
N HIS I 69 -8.83 -27.26 -17.17
CA HIS I 69 -10.11 -27.26 -17.86
C HIS I 69 -11.10 -26.25 -17.26
N LEU I 70 -11.05 -26.09 -15.94
CA LEU I 70 -11.95 -25.13 -15.30
C LEU I 70 -11.51 -23.75 -15.77
N GLN I 71 -10.20 -23.50 -15.82
CA GLN I 71 -9.69 -22.19 -16.29
C GLN I 71 -10.08 -21.94 -17.75
N LEU I 72 -9.86 -22.92 -18.62
CA LEU I 72 -10.24 -22.73 -20.02
C LEU I 72 -11.74 -22.48 -20.14
N ALA I 73 -12.57 -23.19 -19.37
CA ALA I 73 -14.01 -23.00 -19.46
C ALA I 73 -14.43 -21.61 -18.99
N VAL I 74 -13.83 -21.17 -17.89
CA VAL I 74 -14.14 -19.86 -17.33
C VAL I 74 -13.61 -18.72 -18.21
N ARG I 75 -12.33 -18.76 -18.56
CA ARG I 75 -11.79 -17.63 -19.33
C ARG I 75 -12.31 -17.53 -20.77
N ASN I 76 -12.82 -18.62 -21.32
CA ASN I 76 -13.37 -18.57 -22.68
C ASN I 76 -14.83 -18.23 -22.67
N ASP I 77 -15.42 -18.11 -21.49
CA ASP I 77 -16.82 -17.78 -21.40
C ASP I 77 -16.92 -16.35 -20.89
N GLU I 78 -17.47 -15.46 -21.71
CA GLU I 78 -17.56 -14.06 -21.32
C GLU I 78 -18.13 -13.83 -19.92
N GLU I 79 -19.27 -14.44 -19.62
CA GLU I 79 -19.91 -14.21 -18.33
C GLU I 79 -19.21 -14.80 -17.12
N LEU I 80 -18.79 -16.05 -17.23
CA LEU I 80 -18.08 -16.68 -16.13
C LEU I 80 -16.77 -15.93 -15.89
N ASN I 81 -16.11 -15.49 -16.95
CA ASN I 81 -14.87 -14.76 -16.82
C ASN I 81 -15.04 -13.49 -16.01
N LYS I 82 -16.15 -12.77 -16.23
CA LYS I 82 -16.44 -11.55 -15.48
C LYS I 82 -16.82 -11.92 -14.03
N LEU I 83 -17.68 -12.92 -13.85
CA LEU I 83 -18.03 -13.30 -12.47
C LEU I 83 -16.76 -13.62 -11.67
N LEU I 84 -15.82 -14.30 -12.32
CA LEU I 84 -14.58 -14.69 -11.67
C LEU I 84 -13.42 -13.78 -12.12
N GLY I 85 -13.74 -12.53 -12.41
CA GLY I 85 -12.71 -11.59 -12.85
C GLY I 85 -11.60 -11.30 -11.85
N ARG I 86 -11.87 -11.49 -10.56
CA ARG I 86 -10.82 -11.24 -9.55
C ARG I 86 -10.46 -12.53 -8.81
N VAL I 87 -10.63 -13.65 -9.48
CA VAL I 87 -10.34 -14.95 -8.87
C VAL I 87 -9.22 -15.63 -9.62
N THR I 88 -8.35 -16.32 -8.90
CA THR I 88 -7.26 -17.06 -9.51
C THR I 88 -7.54 -18.54 -9.30
N ILE I 89 -7.60 -19.29 -10.40
CA ILE I 89 -7.82 -20.73 -10.32
C ILE I 89 -6.41 -21.34 -10.27
N ALA I 90 -6.06 -21.94 -9.13
CA ALA I 90 -4.73 -22.53 -8.98
C ALA I 90 -4.49 -23.53 -10.12
N GLN I 91 -3.24 -23.66 -10.56
CA GLN I 91 -2.88 -24.57 -11.65
C GLN I 91 -3.76 -24.40 -12.86
N GLY I 92 -4.15 -23.16 -13.15
CA GLY I 92 -4.98 -22.92 -14.31
C GLY I 92 -4.22 -22.50 -15.56
N GLY I 93 -3.08 -21.85 -15.40
CA GLY I 93 -2.36 -21.35 -16.56
C GLY I 93 -3.18 -20.23 -17.16
N VAL I 94 -2.88 -19.84 -18.40
CA VAL I 94 -3.58 -18.78 -19.10
C VAL I 94 -4.03 -19.27 -20.47
N LEU I 95 -4.85 -18.47 -21.14
CA LEU I 95 -5.33 -18.82 -22.48
C LEU I 95 -4.21 -18.58 -23.49
N PRO I 96 -4.08 -19.46 -24.49
CA PRO I 96 -3.03 -19.23 -25.49
C PRO I 96 -3.33 -17.88 -26.15
N ASN I 97 -2.40 -16.95 -26.14
CA ASN I 97 -2.66 -15.65 -26.76
C ASN I 97 -1.36 -14.86 -26.99
N ILE I 98 -1.03 -14.63 -28.26
CA ILE I 98 0.18 -13.87 -28.61
C ILE I 98 -0.24 -12.62 -29.36
N GLN I 99 0.23 -11.46 -28.91
CA GLN I 99 -0.13 -10.20 -29.56
C GLN I 99 0.37 -10.24 -31.02
N SER I 100 -0.53 -9.98 -31.96
CA SER I 100 -0.23 -10.03 -33.38
C SER I 100 1.07 -9.39 -33.81
N VAL I 101 1.35 -8.18 -33.29
CA VAL I 101 2.57 -7.48 -33.66
C VAL I 101 3.82 -8.26 -33.31
N LEU I 102 3.69 -9.28 -32.48
CA LEU I 102 4.87 -10.04 -32.08
C LEU I 102 5.18 -11.21 -33.03
N LEU I 103 4.23 -11.54 -33.90
CA LEU I 103 4.43 -12.64 -34.84
C LEU I 103 5.40 -12.26 -35.95
N PRO I 104 6.15 -13.24 -36.47
CA PRO I 104 7.10 -12.92 -37.54
C PRO I 104 6.40 -12.42 -38.79
N LYS I 105 7.10 -11.62 -39.59
CA LYS I 105 6.53 -11.09 -40.83
C LYS I 105 6.68 -12.13 -41.94
N LYS I 106 5.82 -13.14 -41.90
CA LYS I 106 5.81 -14.23 -42.86
C LYS I 106 6.13 -13.80 -44.28
N THR J 1 -12.16 -33.66 13.65
CA THR J 1 -13.43 -32.88 13.62
C THR J 1 -13.92 -32.71 12.18
N ARG J 2 -15.14 -33.15 11.92
CA ARG J 2 -15.75 -33.07 10.59
C ARG J 2 -15.29 -31.88 9.76
N LYS J 3 -15.04 -32.12 8.49
CA LYS J 3 -14.65 -31.08 7.57
C LYS J 3 -15.66 -31.19 6.43
N GLU J 4 -16.64 -30.30 6.43
CA GLU J 4 -17.68 -30.32 5.41
C GLU J 4 -17.25 -29.60 4.14
N SER J 5 -17.78 -30.05 3.01
CA SER J 5 -17.48 -29.45 1.73
C SER J 5 -18.63 -29.78 0.81
N TYR J 6 -18.63 -29.16 -0.37
CA TYR J 6 -19.70 -29.38 -1.33
C TYR J 6 -19.30 -30.52 -2.29
N ALA J 7 -18.16 -31.12 -2.05
CA ALA J 7 -17.66 -32.16 -2.95
C ALA J 7 -18.71 -33.19 -3.40
N ILE J 8 -19.40 -33.85 -2.48
CA ILE J 8 -20.36 -34.86 -2.93
C ILE J 8 -21.49 -34.33 -3.80
N TYR J 9 -21.93 -33.08 -3.56
CA TYR J 9 -23.00 -32.51 -4.37
C TYR J 9 -22.46 -32.03 -5.72
N VAL J 10 -21.25 -31.53 -5.75
CA VAL J 10 -20.67 -31.12 -7.02
C VAL J 10 -20.58 -32.38 -7.90
N TYR J 11 -20.18 -33.50 -7.28
CA TYR J 11 -20.06 -34.74 -8.03
C TYR J 11 -21.39 -35.22 -8.60
N LYS J 12 -22.46 -35.11 -7.82
CA LYS J 12 -23.77 -35.53 -8.32
C LYS J 12 -24.14 -34.70 -9.54
N VAL J 13 -23.84 -33.40 -9.50
CA VAL J 13 -24.14 -32.52 -10.63
C VAL J 13 -23.28 -32.87 -11.83
N LEU J 14 -22.02 -33.18 -11.58
CA LEU J 14 -21.14 -33.54 -12.68
C LEU J 14 -21.76 -34.72 -13.46
N LYS J 15 -22.19 -35.75 -12.73
CA LYS J 15 -22.80 -36.93 -13.35
C LYS J 15 -24.05 -36.61 -14.17
N GLN J 16 -24.80 -35.59 -13.75
CA GLN J 16 -26.00 -35.23 -14.50
C GLN J 16 -25.60 -34.59 -15.83
N VAL J 17 -24.59 -33.73 -15.78
CA VAL J 17 -24.11 -33.01 -16.95
C VAL J 17 -23.13 -33.78 -17.86
N HIS J 18 -22.25 -34.58 -17.29
CA HIS J 18 -21.29 -35.36 -18.07
C HIS J 18 -21.14 -36.70 -17.37
N PRO J 19 -22.06 -37.64 -17.66
CA PRO J 19 -22.02 -38.96 -17.03
C PRO J 19 -20.72 -39.70 -17.02
N ASP J 20 -19.92 -39.59 -18.08
CA ASP J 20 -18.68 -40.32 -18.08
C ASP J 20 -17.42 -39.48 -17.91
N THR J 21 -17.58 -38.40 -17.17
CA THR J 21 -16.46 -37.49 -16.92
C THR J 21 -16.14 -37.46 -15.43
N GLY J 22 -14.88 -37.56 -15.08
CA GLY J 22 -14.51 -37.51 -13.67
C GLY J 22 -13.93 -36.13 -13.34
N ILE J 23 -13.42 -35.97 -12.14
CA ILE J 23 -12.85 -34.68 -11.75
C ILE J 23 -11.75 -34.97 -10.76
N SER J 24 -10.58 -34.36 -10.95
CA SER J 24 -9.47 -34.58 -10.04
C SER J 24 -9.70 -33.88 -8.68
N SER J 25 -8.90 -34.25 -7.69
CA SER J 25 -8.99 -33.69 -6.36
C SER J 25 -8.80 -32.18 -6.38
N LYS J 26 -7.74 -31.72 -7.04
CA LYS J 26 -7.44 -30.31 -7.14
C LYS J 26 -8.59 -29.55 -7.80
N ALA J 27 -9.15 -30.13 -8.87
CA ALA J 27 -10.27 -29.50 -9.55
C ALA J 27 -11.47 -29.42 -8.62
N MET J 28 -11.71 -30.48 -7.85
CA MET J 28 -12.85 -30.48 -6.95
C MET J 28 -12.66 -29.41 -5.87
N SER J 29 -11.42 -29.24 -5.42
CA SER J 29 -11.13 -28.25 -4.40
C SER J 29 -11.39 -26.84 -4.97
N ILE J 30 -11.14 -26.68 -6.27
CA ILE J 30 -11.43 -25.44 -6.93
C ILE J 30 -12.93 -25.25 -6.96
N MET J 31 -13.68 -26.31 -7.28
CA MET J 31 -15.13 -26.17 -7.31
C MET J 31 -15.67 -25.87 -5.92
N ASN J 32 -15.07 -26.47 -4.89
CA ASN J 32 -15.53 -26.19 -3.54
C ASN J 32 -15.31 -24.70 -3.20
N SER J 33 -14.15 -24.18 -3.61
CA SER J 33 -13.80 -22.77 -3.38
C SER J 33 -14.83 -21.91 -4.13
N PHE J 34 -15.15 -22.28 -5.37
CA PHE J 34 -16.14 -21.56 -6.17
C PHE J 34 -17.49 -21.48 -5.49
N VAL J 35 -18.00 -22.61 -5.04
CA VAL J 35 -19.31 -22.63 -4.37
C VAL J 35 -19.30 -21.77 -3.10
N ASN J 36 -18.26 -21.91 -2.30
CA ASN J 36 -18.18 -21.13 -1.07
C ASN J 36 -18.07 -19.64 -1.37
N ASP J 37 -17.37 -19.32 -2.44
CA ASP J 37 -17.15 -17.94 -2.81
C ASP J 37 -18.49 -17.34 -3.25
N VAL J 38 -19.17 -17.99 -4.19
CA VAL J 38 -20.47 -17.47 -4.65
C VAL J 38 -21.48 -17.43 -3.51
N PHE J 39 -21.48 -18.46 -2.67
CA PHE J 39 -22.37 -18.44 -1.51
C PHE J 39 -22.12 -17.15 -0.69
N GLU J 40 -20.87 -16.89 -0.35
CA GLU J 40 -20.55 -15.68 0.45
C GLU J 40 -20.93 -14.38 -0.25
N ARG J 41 -20.65 -14.28 -1.55
CA ARG J 41 -21.00 -13.03 -2.23
C ARG J 41 -22.50 -12.81 -2.25
N ILE J 42 -23.24 -13.86 -2.59
CA ILE J 42 -24.68 -13.73 -2.66
C ILE J 42 -25.24 -13.46 -1.29
N ALA J 43 -24.77 -14.20 -0.29
CA ALA J 43 -25.27 -14.01 1.08
C ALA J 43 -24.95 -12.60 1.61
N GLY J 44 -23.72 -12.13 1.37
CA GLY J 44 -23.35 -10.79 1.84
C GLY J 44 -24.19 -9.70 1.19
N GLU J 45 -24.42 -9.84 -0.12
CA GLU J 45 -25.23 -8.88 -0.87
C GLU J 45 -26.66 -8.92 -0.31
N ALA J 46 -27.17 -10.13 -0.03
CA ALA J 46 -28.53 -10.25 0.51
C ALA J 46 -28.57 -9.63 1.89
N SER J 47 -27.50 -9.83 2.66
CA SER J 47 -27.43 -9.27 4.00
C SER J 47 -27.53 -7.73 3.92
N ARG J 48 -26.72 -7.13 3.06
CA ARG J 48 -26.72 -5.69 2.90
C ARG J 48 -28.10 -5.21 2.41
N LEU J 49 -28.69 -5.95 1.48
CA LEU J 49 -30.01 -5.56 1.01
C LEU J 49 -31.02 -5.47 2.16
N ALA J 50 -31.08 -6.49 3.01
CA ALA J 50 -32.02 -6.46 4.12
C ALA J 50 -31.71 -5.33 5.09
N HIS J 51 -30.43 -5.12 5.43
CA HIS J 51 -30.06 -4.05 6.35
C HIS J 51 -30.44 -2.68 5.77
N TYR J 52 -30.14 -2.46 4.49
CA TYR J 52 -30.48 -1.21 3.84
C TYR J 52 -31.97 -0.94 3.97
N ASN J 53 -32.77 -1.99 3.86
CA ASN J 53 -34.21 -1.82 3.96
C ASN J 53 -34.74 -2.09 5.36
N LYS J 54 -33.87 -2.09 6.35
CA LYS J 54 -34.27 -2.32 7.73
C LYS J 54 -35.19 -3.52 7.94
N ARG J 55 -34.82 -4.65 7.36
CA ARG J 55 -35.57 -5.88 7.51
C ARG J 55 -34.68 -6.85 8.27
N SER J 56 -35.27 -7.62 9.18
CA SER J 56 -34.55 -8.60 9.98
C SER J 56 -34.40 -9.91 9.22
N THR J 57 -35.15 -10.06 8.13
CA THR J 57 -35.17 -11.32 7.40
C THR J 57 -34.61 -11.38 5.98
N ILE J 58 -33.79 -12.40 5.74
CA ILE J 58 -33.26 -12.63 4.41
C ILE J 58 -34.22 -13.70 3.86
N THR J 59 -34.99 -13.34 2.84
CA THR J 59 -35.94 -14.24 2.23
C THR J 59 -35.47 -14.52 0.82
N SER J 60 -36.23 -15.31 0.09
CA SER J 60 -35.88 -15.64 -1.28
C SER J 60 -35.80 -14.36 -2.13
N ARG J 61 -36.53 -13.33 -1.74
CA ARG J 61 -36.51 -12.09 -2.49
C ARG J 61 -35.14 -11.39 -2.43
N GLU J 62 -34.49 -11.36 -1.25
CA GLU J 62 -33.17 -10.75 -1.14
C GLU J 62 -32.16 -11.61 -1.91
N ILE J 63 -32.35 -12.93 -1.88
CA ILE J 63 -31.44 -13.83 -2.62
C ILE J 63 -31.56 -13.51 -4.10
N GLN J 64 -32.79 -13.32 -4.58
CA GLN J 64 -33.05 -12.99 -5.99
C GLN J 64 -32.39 -11.66 -6.43
N THR J 65 -32.65 -10.59 -5.68
CA THR J 65 -32.05 -9.30 -6.00
C THR J 65 -30.50 -9.42 -5.92
N ALA J 66 -29.98 -10.14 -4.91
CA ALA J 66 -28.53 -10.31 -4.79
C ALA J 66 -28.00 -10.94 -6.04
N VAL J 67 -28.73 -11.94 -6.57
CA VAL J 67 -28.30 -12.62 -7.81
C VAL J 67 -28.26 -11.69 -9.01
N ARG J 68 -29.28 -10.83 -9.13
CA ARG J 68 -29.33 -9.90 -10.24
C ARG J 68 -28.21 -8.85 -10.14
N LEU J 69 -27.80 -8.52 -8.93
CA LEU J 69 -26.74 -7.53 -8.74
C LEU J 69 -25.37 -8.18 -9.01
N LEU J 70 -25.20 -9.41 -8.58
CA LEU J 70 -23.90 -10.08 -8.72
C LEU J 70 -23.58 -10.79 -10.00
N LEU J 71 -24.55 -11.48 -10.60
CA LEU J 71 -24.21 -12.21 -11.80
C LEU J 71 -24.42 -11.47 -13.11
N PRO J 72 -23.55 -11.74 -14.11
CA PRO J 72 -23.66 -11.08 -15.41
C PRO J 72 -24.97 -11.53 -16.08
N GLY J 73 -25.48 -10.67 -16.96
CA GLY J 73 -26.71 -10.91 -17.70
C GLY J 73 -27.37 -12.26 -17.79
N GLU J 74 -26.97 -13.07 -18.77
CA GLU J 74 -27.61 -14.36 -18.96
C GLU J 74 -27.52 -15.29 -17.75
N LEU J 75 -26.38 -15.24 -17.05
CA LEU J 75 -26.18 -16.08 -15.88
C LEU J 75 -27.24 -15.69 -14.85
N ALA J 76 -27.47 -14.39 -14.68
CA ALA J 76 -28.46 -13.96 -13.72
C ALA J 76 -29.87 -14.48 -14.12
N LYS J 77 -30.22 -14.34 -15.38
CA LYS J 77 -31.54 -14.77 -15.85
C LYS J 77 -31.80 -16.26 -15.57
N HIS J 78 -30.84 -17.12 -15.87
CA HIS J 78 -31.00 -18.56 -15.64
C HIS J 78 -30.94 -18.92 -14.16
N ALA J 79 -30.13 -18.20 -13.39
CA ALA J 79 -30.04 -18.47 -11.97
C ALA J 79 -31.38 -18.11 -11.34
N VAL J 80 -31.95 -16.97 -11.75
CA VAL J 80 -33.24 -16.52 -11.22
C VAL J 80 -34.34 -17.54 -11.56
N SER J 81 -34.34 -18.05 -12.80
CA SER J 81 -35.38 -19.01 -13.18
C SER J 81 -35.16 -20.30 -12.41
N GLU J 82 -33.92 -20.73 -12.27
CA GLU J 82 -33.65 -21.95 -11.52
C GLU J 82 -34.07 -21.78 -10.05
N GLY J 83 -33.79 -20.62 -9.47
CA GLY J 83 -34.17 -20.41 -8.09
C GLY J 83 -35.67 -20.36 -7.89
N THR J 84 -36.35 -19.67 -8.80
CA THR J 84 -37.80 -19.53 -8.73
C THR J 84 -38.43 -20.90 -8.88
N LYS J 85 -37.94 -21.67 -9.84
CA LYS J 85 -38.45 -23.02 -10.05
C LYS J 85 -38.33 -23.88 -8.80
N ALA J 86 -37.16 -23.85 -8.15
CA ALA J 86 -36.96 -24.67 -6.95
C ALA J 86 -37.85 -24.31 -5.77
N VAL J 87 -38.10 -23.01 -5.58
CA VAL J 87 -38.96 -22.57 -4.49
C VAL J 87 -40.42 -22.92 -4.82
N THR J 88 -40.78 -22.89 -6.10
CA THR J 88 -42.14 -23.26 -6.49
C THR J 88 -42.30 -24.74 -6.16
N LYS J 89 -41.49 -25.56 -6.81
CA LYS J 89 -41.53 -26.99 -6.60
C LYS J 89 -41.56 -27.32 -5.11
N TYR J 90 -40.65 -26.70 -4.36
CA TYR J 90 -40.56 -26.93 -2.93
C TYR J 90 -41.85 -26.57 -2.22
N THR J 91 -42.39 -25.39 -2.51
CA THR J 91 -43.61 -24.94 -1.87
C THR J 91 -44.81 -25.82 -2.17
N SER J 92 -44.77 -26.50 -3.32
CA SER J 92 -45.85 -27.40 -3.69
C SER J 92 -45.39 -28.81 -3.37
N ALA J 93 -45.56 -29.21 -2.11
CA ALA J 93 -45.16 -30.55 -1.67
C ALA J 93 -45.50 -30.79 -0.21
N LYS J 94 -46.37 -31.77 0.04
CA LYS J 94 -46.81 -32.11 1.39
C LYS J 94 -45.65 -32.44 2.32
N LEU K 1 52.02 -14.00 3.61
CA LEU K 1 52.55 -13.49 4.87
C LEU K 1 51.57 -12.52 5.38
N GLU K 2 51.68 -11.22 5.00
CA GLU K 2 50.71 -10.22 5.41
C GLU K 2 50.82 -9.21 4.28
N LEU K 3 50.02 -8.03 4.41
CA LEU K 3 49.97 -6.96 3.47
C LEU K 3 49.95 -5.76 4.38
N ARG K 4 50.78 -4.73 4.07
CA ARG K 4 51.05 -3.55 4.90
C ARG K 4 50.83 -2.33 4.05
N LEU K 5 50.12 -1.28 4.54
CA LEU K 5 49.89 -0.03 3.88
C LEU K 5 50.37 0.98 4.91
N LYS K 6 51.44 1.66 4.55
CA LYS K 6 52.21 2.53 5.36
C LYS K 6 51.56 3.90 5.32
N SER K 7 51.60 4.65 6.41
CA SER K 7 51.05 5.99 6.69
C SER K 7 51.76 7.09 5.86
N PRO K 8 51.09 8.13 5.27
CA PRO K 8 51.68 9.12 4.46
C PRO K 8 52.50 10.09 5.31
N VAL K 9 52.11 10.30 6.58
CA VAL K 9 52.74 11.16 7.52
C VAL K 9 53.83 10.41 8.35
N GLY K 10 53.88 9.04 8.46
CA GLY K 10 54.75 8.27 9.30
C GLY K 10 54.21 8.36 10.71
N ALA K 11 52.86 8.02 10.87
CA ALA K 11 52.18 7.59 12.04
C ALA K 11 52.52 6.08 12.17
N GLU K 12 51.52 5.22 12.46
CA GLU K 12 51.86 3.83 12.55
C GLU K 12 51.05 3.08 11.41
N PRO K 13 51.65 2.46 10.42
CA PRO K 13 51.03 1.76 9.30
C PRO K 13 49.83 0.82 9.76
N ALA K 14 48.92 0.56 8.81
CA ALA K 14 47.80 -0.34 9.00
C ALA K 14 48.29 -1.73 8.39
N VAL K 15 48.06 -2.85 9.17
CA VAL K 15 48.56 -4.21 8.83
C VAL K 15 47.35 -5.05 8.60
N TYR K 16 47.20 -5.69 7.51
CA TYR K 16 46.08 -6.49 7.19
C TYR K 16 46.61 -7.92 7.09
N PRO K 17 46.04 -8.96 7.89
CA PRO K 17 46.66 -10.28 7.86
C PRO K 17 46.39 -11.01 6.54
N TRP K 18 47.20 -12.05 6.20
CA TRP K 18 46.92 -13.01 5.10
C TRP K 18 46.95 -14.43 5.80
N PRO K 19 45.93 -15.28 5.73
CA PRO K 19 44.62 -15.08 4.96
C PRO K 19 43.85 -13.90 5.49
N LEU K 20 43.09 -13.21 4.60
CA LEU K 20 42.32 -11.91 4.78
C LEU K 20 41.17 -12.07 5.72
N PRO K 21 40.99 -11.38 6.81
CA PRO K 21 39.80 -11.65 7.68
C PRO K 21 38.57 -11.07 7.05
N VAL K 22 37.36 -11.70 7.19
CA VAL K 22 36.09 -11.24 6.64
C VAL K 22 35.33 -10.79 7.76
N TYR K 23 34.65 -9.68 7.64
CA TYR K 23 33.92 -9.12 8.75
C TYR K 23 32.49 -9.51 8.57
N ASP K 24 32.01 -9.54 7.24
CA ASP K 24 30.65 -9.91 6.99
C ASP K 24 30.69 -10.12 5.44
N LYS K 25 29.52 -10.40 4.80
CA LYS K 25 29.44 -10.77 3.38
C LYS K 25 29.44 -9.62 2.50
N HIS K 26 29.66 -8.48 3.06
CA HIS K 26 29.72 -7.28 2.35
C HIS K 26 30.88 -6.44 2.72
N HIS K 27 31.73 -6.89 3.67
CA HIS K 27 32.93 -6.15 4.00
C HIS K 27 34.05 -7.13 4.38
N ASP K 28 35.20 -6.95 3.70
CA ASP K 28 36.32 -7.85 3.87
C ASP K 28 37.45 -6.96 3.85
N ALA K 29 38.56 -7.46 4.32
CA ALA K 29 39.79 -6.76 4.46
C ALA K 29 40.33 -6.22 3.15
N ALA K 30 40.21 -7.01 2.04
CA ALA K 30 40.62 -6.69 0.71
C ALA K 30 40.05 -5.38 0.23
N HIS K 31 38.73 -5.11 0.46
CA HIS K 31 38.00 -3.94 0.00
C HIS K 31 38.41 -2.68 0.75
N GLU K 32 38.80 -2.87 2.01
CA GLU K 32 39.43 -1.78 2.80
C GLU K 32 40.74 -1.36 2.21
N ILE K 33 41.61 -2.31 1.74
CA ILE K 33 42.91 -2.04 1.10
C ILE K 33 42.72 -1.14 -0.13
N ILE K 34 41.81 -1.48 -1.06
CA ILE K 34 41.48 -0.83 -2.29
C ILE K 34 40.97 0.58 -2.05
N GLU K 35 40.06 0.80 -1.02
CA GLU K 35 39.56 2.05 -0.64
C GLU K 35 40.54 2.96 -0.02
N THR K 36 41.57 2.46 0.79
CA THR K 36 42.54 3.31 1.23
C THR K 36 43.38 3.95 0.18
N ILE K 37 43.83 3.10 -0.74
CA ILE K 37 44.62 3.43 -1.80
C ILE K 37 43.98 4.43 -2.74
N ARG K 38 42.63 4.32 -3.10
CA ARG K 38 41.98 5.37 -3.81
C ARG K 38 41.98 6.69 -3.13
N TRP K 39 41.69 6.74 -1.80
CA TRP K 39 41.58 8.03 -1.15
C TRP K 39 42.81 8.69 -0.90
N VAL K 40 43.93 7.98 -0.62
CA VAL K 40 45.26 8.55 -0.54
C VAL K 40 45.79 9.14 -1.85
N CYS K 41 45.41 8.46 -2.94
CA CYS K 41 45.69 8.92 -4.28
C CYS K 41 45.05 10.21 -4.54
N GLU K 42 43.82 10.49 -4.00
CA GLU K 42 43.07 11.66 -4.17
C GLU K 42 43.61 12.82 -3.36
N GLU K 43 44.23 12.56 -2.17
CA GLU K 43 44.83 13.61 -1.34
C GLU K 43 46.25 14.02 -1.90
N ILE K 44 47.08 13.10 -2.46
CA ILE K 44 48.46 13.38 -2.69
C ILE K 44 48.69 13.06 -4.18
N PRO K 45 48.73 14.12 -5.03
CA PRO K 45 48.84 14.07 -6.51
C PRO K 45 49.92 13.08 -7.04
N ASP K 46 51.14 13.27 -6.40
CA ASP K 46 52.36 12.60 -6.55
C ASP K 46 52.28 11.15 -6.29
N LEU K 47 51.47 10.68 -5.31
CA LEU K 47 51.22 9.29 -4.90
C LEU K 47 50.60 8.60 -5.98
N LYS K 48 49.54 9.26 -6.58
CA LYS K 48 48.74 8.64 -7.64
C LYS K 48 49.62 8.44 -8.90
N LEU K 49 50.49 9.41 -9.27
CA LEU K 49 51.48 9.25 -10.34
C LEU K 49 52.39 8.06 -10.19
N ALA K 50 52.66 7.64 -8.93
CA ALA K 50 53.58 6.63 -8.64
C ALA K 50 52.85 5.29 -8.63
N MET K 51 51.50 5.34 -8.52
CA MET K 51 50.58 4.20 -8.60
C MET K 51 50.41 3.92 -10.06
N GLU K 52 50.75 4.83 -11.04
CA GLU K 52 50.70 4.58 -12.42
C GLU K 52 51.66 3.52 -12.83
N ASN K 53 52.80 3.36 -12.16
CA ASN K 53 53.85 2.39 -12.50
C ASN K 53 53.31 0.98 -12.37
N TYR K 54 53.96 0.05 -13.08
CA TYR K 54 53.61 -1.35 -13.22
C TYR K 54 52.27 -1.64 -13.63
N VAL K 55 51.78 -2.85 -13.26
CA VAL K 55 50.43 -3.26 -13.68
C VAL K 55 49.42 -2.53 -12.72
N LEU K 56 48.27 -1.97 -13.27
CA LEU K 56 47.27 -1.24 -12.60
C LEU K 56 45.99 -1.78 -13.26
N ILE K 57 44.86 -1.79 -12.47
CA ILE K 57 43.46 -2.21 -12.84
C ILE K 57 43.43 -3.62 -13.45
N ASP K 58 43.96 -4.58 -12.63
CA ASP K 58 43.90 -5.97 -13.01
C ASP K 58 44.16 -6.74 -11.74
N TYR K 59 44.19 -5.99 -10.61
CA TYR K 59 44.08 -6.56 -9.32
C TYR K 59 42.65 -7.05 -9.10
N ASP K 60 42.51 -8.04 -8.17
CA ASP K 60 41.26 -8.66 -7.79
C ASP K 60 41.43 -8.92 -6.32
N THR K 61 40.32 -9.07 -5.59
CA THR K 61 40.21 -9.12 -4.13
C THR K 61 40.99 -10.13 -3.46
N LYS K 62 40.98 -11.35 -4.03
CA LYS K 62 41.54 -12.61 -3.53
C LYS K 62 42.52 -13.03 -4.63
N SER K 63 43.74 -13.49 -4.11
CA SER K 63 44.91 -13.93 -4.83
C SER K 63 46.03 -13.09 -4.19
N PHE K 64 47.01 -13.67 -3.44
CA PHE K 64 48.06 -13.08 -2.66
C PHE K 64 48.87 -12.19 -3.54
N GLU K 65 49.30 -12.75 -4.68
CA GLU K 65 50.15 -12.08 -5.68
C GLU K 65 49.55 -10.78 -6.21
N SER K 66 48.25 -10.75 -6.58
CA SER K 66 47.51 -9.65 -7.30
C SER K 66 47.35 -8.41 -6.42
N MET K 67 47.10 -8.67 -5.16
CA MET K 67 46.97 -7.60 -4.11
C MET K 67 48.37 -7.16 -3.65
N GLN K 68 49.35 -8.07 -3.50
CA GLN K 68 50.79 -7.72 -3.18
C GLN K 68 51.48 -6.90 -4.16
N ARG K 69 51.24 -6.89 -5.46
CA ARG K 69 51.89 -6.01 -6.37
C ARG K 69 51.39 -4.57 -6.26
N LEU K 70 50.16 -4.36 -5.86
CA LEU K 70 49.52 -3.10 -5.54
C LEU K 70 49.97 -2.52 -4.25
N CYS K 71 49.98 -3.39 -3.14
CA CYS K 71 50.51 -3.01 -1.86
C CYS K 71 51.93 -2.59 -1.92
N ASP K 72 52.81 -3.41 -2.63
CA ASP K 72 54.23 -3.17 -2.77
C ASP K 72 54.56 -1.83 -3.53
N LYS K 73 53.77 -1.46 -4.56
CA LYS K 73 53.84 -0.23 -5.32
C LYS K 73 53.53 0.98 -4.48
N TYR K 74 52.53 0.83 -3.59
CA TYR K 74 52.05 1.82 -2.62
C TYR K 74 53.11 2.09 -1.58
N ASN K 75 53.73 1.05 -0.94
CA ASN K 75 54.77 1.15 0.07
C ASN K 75 56.00 1.81 -0.47
N ARG K 76 56.35 1.57 -1.79
CA ARG K 76 57.46 2.24 -2.36
C ARG K 76 57.12 3.72 -2.54
N ALA K 77 55.90 3.99 -2.96
CA ALA K 77 55.39 5.33 -3.30
C ALA K 77 55.34 6.19 -2.02
N ILE K 78 54.99 5.64 -0.85
CA ILE K 78 54.94 6.27 0.43
C ILE K 78 56.33 6.69 0.83
N ASP K 79 57.32 5.80 0.59
CA ASP K 79 58.70 6.10 0.94
C ASP K 79 59.19 7.27 0.16
N SER K 80 58.85 7.27 -1.14
CA SER K 80 59.33 8.34 -1.93
C SER K 80 58.77 9.67 -1.47
N ILE K 81 57.40 9.69 -1.24
CA ILE K 81 56.74 10.89 -0.73
C ILE K 81 57.34 11.36 0.63
N HIS K 82 57.75 10.50 1.61
CA HIS K 82 58.31 10.87 2.81
C HIS K 82 59.63 11.55 2.59
N GLN K 83 60.43 11.18 1.50
CA GLN K 83 61.81 11.75 1.33
C GLN K 83 61.64 13.13 0.81
N LEU K 84 60.68 13.30 -0.11
CA LEU K 84 60.18 14.51 -0.71
C LEU K 84 59.62 15.46 0.32
N TRP K 85 59.02 14.94 1.38
CA TRP K 85 58.32 15.77 2.37
C TRP K 85 59.24 16.49 3.36
N LYS K 86 60.48 16.01 3.44
CA LYS K 86 61.71 16.56 4.12
C LYS K 86 62.21 17.75 3.33
N GLY K 87 61.77 17.87 2.06
CA GLY K 87 62.29 18.87 1.16
C GLY K 87 61.29 20.00 1.07
N THR K 88 61.18 20.57 -0.08
CA THR K 88 60.34 21.74 -0.46
C THR K 88 58.87 21.53 -0.22
N THR K 89 58.38 20.27 -0.43
CA THR K 89 57.04 19.81 -0.13
C THR K 89 57.11 19.56 1.36
N GLN K 90 55.92 19.81 2.05
CA GLN K 90 55.84 19.69 3.47
C GLN K 90 54.78 18.67 3.80
N PRO K 91 54.67 18.07 5.00
CA PRO K 91 53.60 17.23 5.45
C PRO K 91 52.19 17.69 5.18
N MET K 92 51.24 16.69 5.09
CA MET K 92 49.85 16.93 5.01
C MET K 92 49.44 17.49 6.33
N LYS K 93 49.09 18.77 6.36
CA LYS K 93 48.52 19.56 7.42
C LYS K 93 47.38 18.88 8.14
N LEU K 94 47.28 19.18 9.45
CA LEU K 94 46.31 18.56 10.35
C LEU K 94 45.34 19.62 10.83
N ASN K 95 45.19 20.74 10.05
CA ASN K 95 44.23 21.87 10.24
C ASN K 95 43.43 21.88 9.03
N THR K 96 43.63 21.00 7.96
CA THR K 96 42.87 20.96 6.78
C THR K 96 41.70 20.08 7.08
N ARG K 97 40.48 20.66 6.90
CA ARG K 97 39.24 19.87 6.98
C ARG K 97 39.19 18.72 5.90
N PRO K 98 38.52 17.61 6.18
CA PRO K 98 38.31 16.54 5.24
C PRO K 98 37.17 16.96 4.30
N SER K 99 37.24 16.47 3.01
CA SER K 99 36.20 16.53 2.03
C SER K 99 35.21 15.38 2.30
N THR K 100 33.95 15.55 1.84
CA THR K 100 32.90 14.54 2.06
C THR K 100 33.17 13.12 1.58
N GLY K 101 33.76 12.89 0.38
CA GLY K 101 34.12 11.58 -0.11
C GLY K 101 35.19 10.96 0.77
N LEU K 102 36.20 11.77 1.19
CA LEU K 102 37.28 11.29 2.01
C LEU K 102 36.72 10.93 3.40
N LEU K 103 35.90 11.75 4.05
CA LEU K 103 35.37 11.59 5.38
C LEU K 103 34.58 10.33 5.52
N ARG K 104 33.75 10.04 4.50
CA ARG K 104 32.89 8.84 4.39
C ARG K 104 33.79 7.65 4.50
N HIS K 105 34.91 7.57 3.67
CA HIS K 105 35.91 6.52 3.65
C HIS K 105 36.64 6.36 4.97
N ILE K 106 37.00 7.47 5.66
CA ILE K 106 37.73 7.35 6.95
C ILE K 106 36.89 6.67 8.00
N LEU K 107 35.54 7.02 8.02
CA LEU K 107 34.63 6.34 8.95
C LEU K 107 34.44 4.91 8.55
N GLN K 108 34.36 4.57 7.22
CA GLN K 108 34.22 3.18 6.79
C GLN K 108 35.40 2.31 7.25
N GLN K 109 36.68 2.85 7.02
CA GLN K 109 37.89 2.18 7.48
C GLN K 109 37.93 1.87 8.98
N VAL K 110 37.59 2.96 9.72
CA VAL K 110 37.51 2.91 11.15
C VAL K 110 36.50 1.96 11.66
N TYR K 111 35.29 1.97 11.07
CA TYR K 111 34.19 1.11 11.40
C TYR K 111 34.52 -0.34 11.35
N ASN K 112 35.05 -0.79 10.22
CA ASN K 112 35.45 -2.16 10.12
C ASN K 112 36.44 -2.65 11.17
N HIS K 113 37.35 -1.81 11.67
CA HIS K 113 38.28 -2.13 12.68
C HIS K 113 37.78 -2.06 14.14
N SER K 114 36.57 -1.50 14.44
CA SER K 114 36.05 -1.39 15.72
C SER K 114 35.06 -2.47 15.89
N VAL K 115 34.13 -2.51 14.90
CA VAL K 115 33.14 -3.53 14.76
C VAL K 115 33.63 -4.61 13.91
N THR K 116 33.81 -5.79 14.49
CA THR K 116 34.38 -6.94 13.83
C THR K 116 33.16 -7.85 13.47
N ASP K 117 31.86 -7.39 13.68
CA ASP K 117 30.77 -8.26 13.35
C ASP K 117 29.48 -7.49 13.40
N PRO K 118 29.26 -6.74 12.33
CA PRO K 118 28.10 -5.84 12.24
C PRO K 118 26.83 -6.55 11.96
N GLU K 119 26.77 -7.75 11.37
CA GLU K 119 25.47 -8.39 11.07
C GLU K 119 24.61 -8.60 12.31
N LYS K 120 25.30 -8.99 13.42
CA LYS K 120 24.74 -9.20 14.71
C LYS K 120 23.99 -8.00 15.35
N LEU K 121 24.46 -6.77 14.98
CA LEU K 121 23.89 -5.52 15.39
C LEU K 121 22.64 -5.17 14.68
N ASN K 122 22.48 -5.79 13.49
CA ASN K 122 21.40 -5.62 12.55
C ASN K 122 20.18 -6.54 12.79
N ASN K 123 20.28 -7.47 13.72
CA ASN K 123 19.24 -8.31 14.07
C ASN K 123 18.66 -7.52 15.18
N TYR K 124 17.43 -7.00 14.98
CA TYR K 124 16.60 -6.32 15.92
C TYR K 124 15.23 -6.66 15.40
N GLU K 125 14.25 -6.72 16.33
CA GLU K 125 12.85 -6.80 15.96
C GLU K 125 12.33 -5.36 15.97
N PRO K 126 11.74 -4.77 14.90
CA PRO K 126 11.21 -3.39 14.93
C PRO K 126 10.27 -3.12 16.12
N PHE K 127 10.32 -1.84 16.63
CA PHE K 127 9.48 -1.27 17.72
C PHE K 127 10.05 -1.49 19.09
N SER K 128 11.39 -1.20 19.32
CA SER K 128 11.91 -1.18 20.59
C SER K 128 13.13 -0.27 20.63
N PRO K 129 13.52 0.17 21.82
CA PRO K 129 14.71 1.03 21.94
C PRO K 129 16.06 0.33 21.76
N GLU K 130 16.06 -1.02 21.62
CA GLU K 130 17.28 -1.79 21.43
C GLU K 130 17.77 -1.65 20.00
N VAL K 131 16.85 -1.12 19.12
CA VAL K 131 16.96 -0.94 17.72
C VAL K 131 18.29 -0.12 17.42
N TYR K 132 19.38 -0.76 16.90
CA TYR K 132 20.69 -0.25 16.63
C TYR K 132 20.67 1.02 15.75
N GLY K 133 21.48 1.96 16.23
CA GLY K 133 21.59 3.36 15.82
C GLY K 133 22.25 3.45 14.46
N GLU K 134 23.07 4.53 14.20
CA GLU K 134 23.75 4.74 12.95
C GLU K 134 22.79 5.26 11.87
N THR K 135 23.28 6.14 11.04
CA THR K 135 22.55 6.84 10.02
C THR K 135 23.50 6.90 8.87
N SER K 136 22.91 7.03 7.65
CA SER K 136 23.59 7.24 6.36
C SER K 136 24.20 8.63 6.41
N PHE K 137 25.36 8.65 5.74
CA PHE K 137 26.36 9.71 5.57
C PHE K 137 25.75 10.99 5.10
N ASP K 138 24.86 10.88 4.09
CA ASP K 138 24.10 11.95 3.39
C ASP K 138 23.23 12.68 4.29
N LEU K 139 22.50 12.00 5.20
CA LEU K 139 21.57 12.59 6.09
C LEU K 139 22.22 13.52 7.09
N VAL K 140 23.30 13.00 7.66
CA VAL K 140 24.21 13.59 8.64
C VAL K 140 24.95 14.77 8.08
N ALA K 141 25.33 14.73 6.79
CA ALA K 141 25.85 15.83 6.04
C ALA K 141 24.81 16.91 5.86
N GLN K 142 23.48 16.55 5.64
CA GLN K 142 22.38 17.49 5.50
C GLN K 142 22.21 18.27 6.81
N MET K 143 22.26 17.59 7.94
CA MET K 143 22.25 18.20 9.21
C MET K 143 23.38 19.15 9.39
N ILE K 144 24.63 18.83 9.13
CA ILE K 144 25.87 19.57 9.34
C ILE K 144 25.90 20.84 8.58
N ASP K 145 25.42 20.78 7.28
CA ASP K 145 25.36 21.95 6.51
C ASP K 145 24.29 23.00 6.83
N GLU K 146 23.03 22.55 7.12
CA GLU K 146 21.89 23.38 7.29
C GLU K 146 21.78 23.94 8.69
N ILE K 147 22.02 23.09 9.63
CA ILE K 147 21.97 23.52 11.02
C ILE K 147 23.37 23.66 11.40
N LYS K 148 23.83 24.94 11.35
CA LYS K 148 25.21 25.35 11.72
C LYS K 148 25.51 24.97 13.12
N MET K 149 26.79 24.63 13.31
CA MET K 149 27.43 24.30 14.56
C MET K 149 28.44 25.46 14.80
N THR K 150 28.47 26.08 16.00
CA THR K 150 29.37 27.12 16.35
C THR K 150 30.10 26.67 17.60
N ASP K 151 31.05 27.48 18.04
CA ASP K 151 31.94 27.01 19.12
C ASP K 151 31.42 27.56 20.44
N ASP K 152 30.06 27.86 20.47
CA ASP K 152 29.31 28.22 21.64
C ASP K 152 28.30 27.19 21.86
N ASP K 153 28.39 26.10 21.11
CA ASP K 153 27.41 25.00 21.09
C ASP K 153 27.97 23.69 21.63
N LEU K 154 27.03 22.82 21.91
CA LEU K 154 27.27 21.49 22.45
C LEU K 154 26.44 20.46 21.69
N PHE K 155 27.20 19.41 21.17
CA PHE K 155 26.45 18.45 20.28
C PHE K 155 26.23 17.09 20.97
N VAL K 156 25.03 16.53 20.92
CA VAL K 156 24.64 15.35 21.59
C VAL K 156 23.76 14.48 20.76
N ASP K 157 24.14 13.20 20.72
CA ASP K 157 23.45 12.21 20.00
C ASP K 157 22.79 11.21 20.93
N LEU K 158 21.48 11.27 21.05
CA LEU K 158 20.71 10.36 21.84
C LEU K 158 20.44 9.15 20.95
N GLY K 159 21.06 7.98 21.31
CA GLY K 159 20.71 6.76 20.57
C GLY K 159 21.68 6.63 19.39
N SER K 160 22.99 7.00 19.70
CA SER K 160 24.05 7.17 18.75
C SER K 160 24.47 5.89 18.10
N GLY K 161 24.20 4.73 18.73
CA GLY K 161 24.63 3.46 18.04
C GLY K 161 26.07 3.32 18.29
N VAL K 162 26.89 3.27 17.20
CA VAL K 162 28.36 3.10 17.21
C VAL K 162 29.08 4.42 17.25
N GLY K 163 28.24 5.49 17.36
CA GLY K 163 28.72 6.84 17.49
C GLY K 163 29.36 7.46 16.27
N GLN K 164 29.02 6.96 15.05
CA GLN K 164 29.73 7.45 13.80
C GLN K 164 29.21 8.83 13.43
N VAL K 165 27.93 9.27 13.88
CA VAL K 165 27.32 10.55 13.49
C VAL K 165 28.09 11.70 14.12
N VAL K 166 28.38 11.52 15.41
CA VAL K 166 29.09 12.40 16.35
C VAL K 166 30.47 12.73 15.89
N LEU K 167 31.19 11.68 15.44
CA LEU K 167 32.44 11.67 14.91
C LEU K 167 32.61 12.42 13.65
N GLN K 168 31.64 12.20 12.75
CA GLN K 168 31.48 12.89 11.48
C GLN K 168 31.23 14.37 11.71
N VAL K 169 30.33 14.71 12.61
CA VAL K 169 30.12 16.10 12.94
C VAL K 169 31.38 16.76 13.56
N ALA K 170 32.08 16.08 14.43
CA ALA K 170 33.25 16.65 15.14
C ALA K 170 34.46 16.96 14.23
N ALA K 171 34.64 16.15 13.11
CA ALA K 171 35.77 16.36 12.13
C ALA K 171 35.41 17.46 11.15
N ALA K 172 34.11 17.73 10.90
CA ALA K 172 33.58 18.57 9.87
C ALA K 172 33.12 19.92 10.29
N THR K 173 32.79 20.08 11.61
CA THR K 173 32.32 21.24 12.29
C THR K 173 32.93 21.22 13.64
N ASN K 174 33.14 22.41 14.26
CA ASN K 174 33.61 22.42 15.71
C ASN K 174 32.52 22.73 16.69
N CYS K 175 32.70 22.36 17.99
CA CYS K 175 31.77 22.69 19.05
C CYS K 175 32.59 22.50 20.19
N LYS K 176 32.05 22.99 21.30
CA LYS K 176 32.62 22.83 22.63
C LYS K 176 32.99 21.40 23.02
N HIS K 177 32.13 20.45 22.71
CA HIS K 177 32.22 19.07 22.98
C HIS K 177 31.35 18.37 21.96
N HIS K 178 31.60 17.11 21.61
CA HIS K 178 30.64 16.38 20.79
C HIS K 178 30.40 15.03 21.46
N TYR K 179 29.17 14.59 21.73
CA TYR K 179 28.85 13.30 22.48
C TYR K 179 27.95 12.34 21.82
N GLY K 180 28.09 11.08 22.24
CA GLY K 180 27.24 9.93 21.82
C GLY K 180 26.90 9.19 23.11
N VAL K 181 25.59 8.83 23.34
CA VAL K 181 25.15 7.94 24.42
C VAL K 181 24.32 6.94 23.77
N GLU K 182 24.59 5.69 24.13
CA GLU K 182 23.84 4.60 23.55
C GLU K 182 23.54 3.65 24.69
N LYS K 183 22.24 3.17 24.74
CA LYS K 183 21.60 2.33 25.80
C LYS K 183 22.00 0.85 25.79
N ALA K 184 22.02 0.31 24.57
CA ALA K 184 22.14 -1.17 24.40
C ALA K 184 23.66 -1.47 24.49
N ASP K 185 24.11 -2.48 25.26
CA ASP K 185 25.50 -2.67 25.61
C ASP K 185 26.46 -2.89 24.47
N ILE K 186 26.13 -3.80 23.46
CA ILE K 186 26.90 -4.14 22.33
C ILE K 186 27.29 -2.99 21.44
N PRO K 187 26.46 -2.13 20.85
CA PRO K 187 26.86 -1.00 19.99
C PRO K 187 27.62 0.06 20.78
N ALA K 188 27.37 0.36 22.12
CA ALA K 188 28.02 1.30 22.97
C ALA K 188 29.48 0.92 23.29
N LYS K 189 29.64 -0.42 23.51
CA LYS K 189 30.94 -0.94 23.80
C LYS K 189 31.92 -0.65 22.65
N TYR K 190 31.38 -0.92 21.42
CA TYR K 190 32.04 -0.61 20.17
C TYR K 190 32.33 0.94 20.04
N ALA K 191 31.39 1.79 20.54
CA ALA K 191 31.44 3.28 20.44
C ALA K 191 32.77 3.77 21.07
N GLU K 192 33.27 3.15 22.17
CA GLU K 192 34.58 3.53 22.78
C GLU K 192 35.77 3.31 21.87
N THR K 193 35.75 2.18 21.15
CA THR K 193 36.82 1.65 20.25
C THR K 193 36.83 2.50 18.99
N MET K 194 35.64 2.90 18.48
CA MET K 194 35.43 3.93 17.47
C MET K 194 36.02 5.26 17.78
N ASP K 195 35.88 5.85 18.97
CA ASP K 195 36.41 7.10 19.39
C ASP K 195 37.91 7.10 19.32
N ARG K 196 38.60 6.05 19.87
CA ARG K 196 40.04 5.89 19.84
C ARG K 196 40.62 5.67 18.44
N GLU K 197 40.03 4.67 17.69
CA GLU K 197 40.39 4.37 16.31
C GLU K 197 40.25 5.50 15.34
N PHE K 198 39.13 6.24 15.45
CA PHE K 198 38.81 7.43 14.69
C PHE K 198 39.95 8.47 14.88
N ARG K 199 40.31 8.74 16.18
CA ARG K 199 41.41 9.70 16.45
C ARG K 199 42.73 9.20 15.76
N LYS K 200 43.11 7.85 15.84
CA LYS K 200 44.32 7.36 15.27
C LYS K 200 44.37 7.52 13.74
N TRP K 201 43.26 7.13 13.07
CA TRP K 201 43.00 7.24 11.66
C TRP K 201 42.94 8.68 11.09
N MET K 202 42.35 9.67 11.86
CA MET K 202 42.44 11.09 11.45
C MET K 202 43.86 11.72 11.36
N LYS K 203 44.71 11.33 12.34
CA LYS K 203 46.11 11.67 12.21
C LYS K 203 46.80 11.05 11.11
N TRP K 204 46.56 9.72 10.92
CA TRP K 204 47.16 8.80 9.92
C TRP K 204 47.04 9.38 8.50
N TYR K 205 45.84 9.97 8.20
CA TYR K 205 45.48 10.55 6.89
C TYR K 205 45.92 12.01 6.78
N GLY K 206 46.36 12.62 8.00
CA GLY K 206 46.72 14.00 8.07
C GLY K 206 45.54 14.85 7.71
N LYS K 207 44.59 14.81 8.67
CA LYS K 207 43.43 15.69 8.50
C LYS K 207 43.06 16.09 9.92
N LYS K 208 42.23 17.21 10.04
CA LYS K 208 41.77 17.87 11.32
C LYS K 208 40.54 17.33 11.81
N HIS K 209 40.43 17.18 13.19
CA HIS K 209 39.25 16.74 13.88
C HIS K 209 39.20 17.64 15.08
N ALA K 210 38.01 17.67 15.85
CA ALA K 210 37.73 18.42 16.98
C ALA K 210 38.06 17.51 18.21
N GLU K 211 37.34 17.70 19.34
CA GLU K 211 37.42 16.86 20.51
C GLU K 211 36.02 16.28 20.85
N TYR K 212 36.02 14.98 21.21
CA TYR K 212 34.77 14.26 21.26
C TYR K 212 34.96 13.13 22.29
N THR K 213 33.83 12.69 22.83
CA THR K 213 33.70 11.55 23.74
C THR K 213 32.53 10.70 23.26
N LEU K 214 32.73 9.32 23.11
CA LEU K 214 31.60 8.47 22.94
C LEU K 214 31.55 7.77 24.26
N GLU K 215 30.31 7.83 24.80
CA GLU K 215 30.03 7.41 26.13
C GLU K 215 29.02 6.25 26.01
N ARG K 216 29.16 5.31 26.90
CA ARG K 216 28.29 4.15 27.10
C ARG K 216 27.35 4.52 28.24
N GLY K 217 25.94 4.50 28.01
CA GLY K 217 25.13 4.93 29.11
C GLY K 217 23.84 4.48 28.74
N ASP K 218 22.76 5.26 29.04
CA ASP K 218 21.34 4.91 28.71
C ASP K 218 20.82 6.27 28.44
N PHE K 219 20.18 6.40 27.24
CA PHE K 219 19.72 7.74 26.90
C PHE K 219 18.24 7.90 27.31
N LEU K 220 17.74 6.82 27.94
CA LEU K 220 16.32 6.81 28.35
C LEU K 220 16.38 6.70 29.81
N SER K 221 16.80 7.85 30.47
CA SER K 221 17.08 7.96 31.91
C SER K 221 16.96 9.38 32.47
N GLU K 222 16.81 9.51 33.81
CA GLU K 222 16.79 10.80 34.47
C GLU K 222 18.03 11.65 34.32
N GLU K 223 19.25 11.06 34.45
CA GLU K 223 20.47 11.90 34.37
C GLU K 223 20.58 12.73 33.11
N TRP K 224 20.19 12.10 32.00
CA TRP K 224 20.26 12.66 30.62
C TRP K 224 19.21 13.74 30.41
N ARG K 225 18.14 13.98 31.27
CA ARG K 225 17.25 15.13 31.16
C ARG K 225 18.01 16.44 31.22
N GLU K 226 19.02 16.54 32.20
CA GLU K 226 19.84 17.76 32.42
C GLU K 226 20.85 18.01 31.39
N ARG K 227 21.43 16.86 30.85
CA ARG K 227 22.41 16.88 29.74
C ARG K 227 21.82 17.47 28.54
N ILE K 228 20.57 17.12 28.21
CA ILE K 228 19.76 17.66 27.11
C ILE K 228 19.40 19.06 27.28
N ALA K 229 18.92 19.60 28.42
CA ALA K 229 18.67 20.96 28.62
C ALA K 229 19.85 21.89 28.52
N ASN K 230 21.05 21.57 28.94
CA ASN K 230 22.21 22.45 28.84
C ASN K 230 22.97 22.25 27.51
N THR K 231 22.40 21.29 26.63
CA THR K 231 22.85 21.05 25.27
C THR K 231 21.97 21.88 24.38
N SER K 232 22.50 22.34 23.20
CA SER K 232 21.74 23.19 22.27
C SER K 232 21.59 22.62 20.93
N VAL K 233 22.27 21.42 20.70
CA VAL K 233 22.12 20.72 19.43
C VAL K 233 21.97 19.30 19.83
N ILE K 234 20.72 18.76 19.56
CA ILE K 234 20.35 17.42 19.87
C ILE K 234 20.05 16.81 18.58
N PHE K 235 20.69 15.63 18.23
CA PHE K 235 20.39 14.77 17.21
C PHE K 235 19.87 13.61 17.99
N VAL K 236 18.73 13.10 17.56
CA VAL K 236 18.16 11.95 18.15
C VAL K 236 17.50 11.13 17.02
N ASN K 237 17.95 9.87 16.93
CA ASN K 237 17.40 8.80 16.12
C ASN K 237 16.33 7.99 16.79
N ASN K 238 15.12 8.15 16.19
CA ASN K 238 13.97 7.44 16.69
C ASN K 238 12.96 7.57 15.61
N PHE K 239 11.93 6.59 15.61
CA PHE K 239 10.96 6.36 14.59
C PHE K 239 10.52 4.94 14.74
N ALA K 240 11.53 4.02 14.98
CA ALA K 240 11.33 2.56 15.07
C ALA K 240 11.59 2.12 16.51
N PHE K 241 11.29 3.09 17.47
CA PHE K 241 11.46 2.71 18.86
C PHE K 241 10.21 2.49 19.60
N GLY K 242 9.03 2.74 18.97
CA GLY K 242 7.68 2.62 19.56
C GLY K 242 7.11 3.94 20.03
N PRO K 243 5.78 4.11 20.14
CA PRO K 243 5.13 5.36 20.62
C PRO K 243 5.48 5.52 22.04
N GLU K 244 5.64 4.46 22.89
CA GLU K 244 5.86 4.59 24.31
C GLU K 244 7.05 5.45 24.71
N VAL K 245 8.23 5.06 24.07
CA VAL K 245 9.52 5.69 24.03
C VAL K 245 9.41 7.05 23.44
N ASP K 246 8.60 7.28 22.36
CA ASP K 246 8.53 8.63 21.73
C ASP K 246 8.02 9.59 22.76
N HIS K 247 7.04 9.19 23.61
CA HIS K 247 6.54 10.03 24.68
C HIS K 247 7.61 10.43 25.68
N GLN K 248 8.45 9.48 26.16
CA GLN K 248 9.39 9.73 27.19
C GLN K 248 10.52 10.69 26.73
N LEU K 249 11.00 10.62 25.46
CA LEU K 249 12.00 11.45 24.81
C LEU K 249 11.49 12.86 24.61
N LYS K 250 10.19 12.96 24.20
CA LYS K 250 9.53 14.22 24.09
C LYS K 250 9.51 15.04 25.33
N GLU K 251 9.27 14.35 26.46
CA GLU K 251 9.23 14.93 27.76
C GLU K 251 10.57 15.54 28.15
N ARG K 252 11.67 15.06 27.59
CA ARG K 252 13.02 15.38 27.97
C ARG K 252 13.39 16.52 27.09
N PHE K 253 12.76 16.68 25.84
CA PHE K 253 13.01 17.84 24.93
C PHE K 253 12.28 19.02 25.47
N ALA K 254 11.22 18.76 26.27
CA ALA K 254 10.49 19.77 27.06
C ALA K 254 11.33 20.49 28.09
N ASN K 255 12.35 19.79 28.64
CA ASN K 255 13.19 20.32 29.67
C ASN K 255 14.13 21.32 29.05
N MET K 256 14.30 21.27 27.73
CA MET K 256 15.22 22.14 27.01
C MET K 256 15.03 23.63 27.04
N LYS K 257 16.18 24.45 27.10
CA LYS K 257 16.16 25.87 27.23
C LYS K 257 15.84 26.46 25.88
N GLU K 258 15.25 27.66 25.96
CA GLU K 258 14.81 28.37 24.80
C GLU K 258 15.96 28.66 23.88
N GLY K 259 15.78 28.30 22.54
CA GLY K 259 16.86 28.53 21.55
C GLY K 259 17.32 27.21 21.00
N GLY K 260 17.05 26.11 21.84
CA GLY K 260 17.58 24.81 21.58
C GLY K 260 16.99 24.24 20.19
N ARG K 261 17.77 23.45 19.51
CA ARG K 261 17.36 22.88 18.25
C ARG K 261 17.55 21.40 18.45
N ILE K 262 16.56 20.73 17.86
CA ILE K 262 16.44 19.33 17.89
C ILE K 262 16.25 18.94 16.45
N VAL K 263 17.12 18.06 16.03
CA VAL K 263 17.16 17.40 14.77
C VAL K 263 16.89 15.89 15.02
N SER K 264 15.80 15.48 14.34
CA SER K 264 15.23 14.22 14.66
C SER K 264 14.74 13.68 13.38
N SER K 265 14.38 12.38 13.46
CA SER K 265 13.84 11.64 12.33
C SER K 265 12.38 11.35 12.67
N LYS K 266 11.93 12.10 13.68
CA LYS K 266 10.62 11.83 14.13
C LYS K 266 10.03 13.18 14.10
N PRO K 267 8.71 13.34 13.57
CA PRO K 267 8.03 14.58 13.62
C PRO K 267 7.35 14.50 15.00
N PHE K 268 7.88 15.30 15.97
CA PHE K 268 7.29 15.23 17.32
C PHE K 268 5.93 16.01 17.36
N ALA K 269 5.71 17.03 16.61
CA ALA K 269 4.47 17.73 16.47
C ALA K 269 4.27 17.94 14.95
N PRO K 270 3.06 18.19 14.42
CA PRO K 270 2.82 18.58 13.02
C PRO K 270 3.69 19.71 12.59
N LEU K 271 4.08 19.76 11.34
CA LEU K 271 4.73 20.82 10.66
C LEU K 271 4.11 22.09 10.79
N ASN K 272 2.80 22.15 10.38
CA ASN K 272 1.97 23.30 10.55
C ASN K 272 1.33 23.05 11.87
N PHE K 273 1.95 23.60 12.92
CA PHE K 273 1.45 23.56 14.29
C PHE K 273 0.33 24.61 14.52
N ARG K 274 -0.80 23.97 14.91
CA ARG K 274 -2.06 24.65 15.31
C ARG K 274 -2.22 24.32 16.79
N ILE K 275 -2.80 25.30 17.53
CA ILE K 275 -3.15 25.28 18.96
C ILE K 275 -4.10 24.12 19.21
N ASN K 276 -4.00 23.54 20.41
CA ASN K 276 -4.93 22.59 20.98
C ASN K 276 -5.29 23.17 22.34
N SER K 277 -6.50 22.82 22.76
CA SER K 277 -6.93 23.27 24.06
C SER K 277 -6.57 22.23 25.06
N ARG K 278 -5.54 21.37 24.79
CA ARG K 278 -4.93 20.28 25.59
C ARG K 278 -3.56 20.03 25.16
N ASN K 279 -2.86 21.11 24.77
CA ASN K 279 -1.42 21.17 24.45
C ASN K 279 -0.58 21.44 25.68
N LEU K 280 -1.20 21.12 26.87
CA LEU K 280 -0.51 21.19 28.11
C LEU K 280 0.21 19.90 28.33
N SER K 281 -0.01 18.96 27.44
CA SER K 281 0.77 17.71 27.43
C SER K 281 1.55 17.54 26.12
N ASP K 282 1.24 18.33 25.04
CA ASP K 282 1.80 18.19 23.65
C ASP K 282 3.01 19.10 23.60
N ILE K 283 4.15 18.49 23.17
CA ILE K 283 5.42 19.14 22.93
C ILE K 283 5.41 20.35 21.99
N GLY K 284 4.48 20.38 20.97
CA GLY K 284 4.41 21.42 19.99
C GLY K 284 4.08 22.81 20.46
N THR K 285 3.73 22.95 21.76
CA THR K 285 3.35 24.25 22.37
C THR K 285 4.61 25.09 22.56
N ILE K 286 5.86 24.44 22.45
CA ILE K 286 7.10 25.08 22.78
C ILE K 286 8.02 25.00 21.61
N MET K 287 7.60 24.65 20.36
CA MET K 287 8.54 24.47 19.17
C MET K 287 7.86 24.75 17.88
N ARG K 288 8.68 25.35 16.94
CA ARG K 288 8.35 25.55 15.59
C ARG K 288 8.93 24.27 14.96
N VAL K 289 8.18 23.71 13.97
CA VAL K 289 8.55 22.50 13.25
C VAL K 289 8.58 22.81 11.73
N VAL K 290 9.58 22.23 10.97
CA VAL K 290 9.55 22.18 9.55
C VAL K 290 10.26 20.87 9.23
N GLU K 291 9.89 20.23 8.15
CA GLU K 291 10.37 18.95 7.67
C GLU K 291 11.42 19.30 6.63
N LEU K 292 12.63 18.71 6.79
CA LEU K 292 13.78 18.82 5.88
C LEU K 292 13.50 17.86 4.76
N SER K 293 14.03 18.27 3.52
CA SER K 293 13.97 17.57 2.26
C SER K 293 14.25 16.11 2.40
N PRO K 294 13.46 15.19 1.85
CA PRO K 294 13.89 13.83 1.74
C PRO K 294 15.08 13.67 0.86
N LEU K 295 16.03 12.79 1.15
CA LEU K 295 17.20 12.55 0.33
C LEU K 295 17.07 11.18 -0.13
N LYS K 296 17.41 11.02 -1.46
CA LYS K 296 17.29 9.83 -2.21
C LYS K 296 18.75 9.48 -2.27
N GLY K 297 19.07 8.22 -1.92
CA GLY K 297 20.38 7.66 -1.77
C GLY K 297 20.58 7.37 -0.29
N SER K 298 19.52 6.93 0.36
CA SER K 298 19.50 6.67 1.77
C SER K 298 18.26 5.91 2.09
N VAL K 299 17.58 5.25 1.13
CA VAL K 299 16.42 4.41 1.17
C VAL K 299 16.57 3.34 2.17
N SER K 300 15.41 2.86 2.71
CA SER K 300 15.38 1.87 3.79
C SER K 300 15.35 0.54 3.13
N TRP K 301 14.63 -0.37 3.85
CA TRP K 301 14.59 -1.75 3.48
C TRP K 301 13.20 -2.07 3.08
N THR K 302 12.40 -1.04 3.16
CA THR K 302 11.11 -1.05 2.53
C THR K 302 11.25 -0.17 1.35
N GLY K 303 12.39 0.55 1.27
CA GLY K 303 12.73 1.35 0.08
C GLY K 303 12.18 2.72 0.25
N LYS K 304 11.89 3.24 1.53
CA LYS K 304 11.43 4.57 1.87
C LYS K 304 12.51 5.58 2.14
N PRO K 305 12.42 6.81 1.55
CA PRO K 305 13.34 7.90 1.89
C PRO K 305 13.35 8.28 3.35
N VAL K 306 14.51 8.58 3.95
CA VAL K 306 14.66 8.96 5.30
C VAL K 306 14.71 10.50 5.28
N SER K 307 13.95 11.08 6.27
CA SER K 307 13.83 12.54 6.41
C SER K 307 14.36 12.78 7.69
N TYR K 308 14.63 14.05 7.88
CA TYR K 308 14.89 14.61 9.19
C TYR K 308 14.02 15.82 9.25
N TYR K 309 13.72 16.21 10.50
CA TYR K 309 12.75 17.24 10.82
C TYR K 309 13.45 18.15 11.78
N LEU K 310 13.35 19.53 11.57
CA LEU K 310 14.09 20.49 12.25
C LEU K 310 13.02 21.05 13.14
N HIS K 311 13.22 20.95 14.51
CA HIS K 311 12.35 21.53 15.48
C HIS K 311 13.18 22.53 16.25
N THR K 312 12.66 23.81 16.50
CA THR K 312 13.29 24.90 17.15
C THR K 312 12.47 25.33 18.27
N ILE K 313 13.06 25.26 19.50
CA ILE K 313 12.43 25.84 20.69
C ILE K 313 12.22 27.34 20.66
N ASP K 314 10.94 27.75 20.76
CA ASP K 314 10.45 29.06 20.65
C ASP K 314 9.31 29.12 21.58
N ARG K 315 9.41 29.92 22.68
CA ARG K 315 8.37 30.02 23.70
C ARG K 315 7.27 30.98 23.34
N THR K 316 7.35 31.69 22.14
CA THR K 316 6.32 32.63 21.63
C THR K 316 4.99 31.90 21.40
N ILE K 317 5.07 30.59 20.99
CA ILE K 317 4.00 29.67 20.78
C ILE K 317 3.13 29.53 22.03
N LEU K 318 3.84 29.27 23.16
CA LEU K 318 3.39 29.16 24.52
C LEU K 318 2.83 30.45 25.03
N GLU K 319 3.43 31.62 24.78
CA GLU K 319 3.04 32.92 25.25
C GLU K 319 1.72 33.36 24.71
N ASN K 320 1.45 32.96 23.48
CA ASN K 320 0.25 33.25 22.75
C ASN K 320 -0.89 32.43 23.25
N TYR K 321 -0.62 31.13 23.65
CA TYR K 321 -1.67 30.26 24.17
C TYR K 321 -2.29 30.83 25.45
N PHE K 322 -1.29 31.21 26.34
CA PHE K 322 -1.64 31.71 27.63
C PHE K 322 -2.50 33.00 27.54
N SER K 323 -2.17 33.92 26.66
CA SER K 323 -2.83 35.19 26.44
C SER K 323 -4.28 35.04 25.96
N SER K 324 -4.51 34.11 25.01
CA SER K 324 -5.82 33.70 24.56
C SER K 324 -6.60 33.18 25.68
N LEU K 325 -6.04 32.50 26.75
CA LEU K 325 -6.77 32.01 27.89
C LEU K 325 -7.15 33.00 28.97
N LYS K 326 -6.37 34.09 29.10
CA LYS K 326 -6.48 35.27 29.96
C LYS K 326 -7.59 36.18 29.52
N ASN K 327 -8.05 35.87 28.27
CA ASN K 327 -9.10 36.56 27.53
C ASN K 327 -10.22 35.59 27.50
N PRO K 328 -11.44 35.92 28.00
CA PRO K 328 -11.93 37.26 28.41
C PRO K 328 -11.35 37.74 29.70
#